data_6ZGB
#
_entry.id   6ZGB
#
_cell.length_a   115.740
_cell.length_b   115.740
_cell.length_c   308.490
_cell.angle_alpha   90.000
_cell.angle_beta   90.000
_cell.angle_gamma   120.000
#
_symmetry.space_group_name_H-M   'P 32 2 1'
#
loop_
_entity.id
_entity.type
_entity.pdbx_description
1 polymer 'Proton/glutamate symporter, SDF family'
2 non-polymer '(2~{S},3~{S})-2-azanyl-3-[(2-nitrophenyl)methoxy]butanedioic acid'
3 non-polymer DI(HYDROXYETHYL)ETHER
4 non-polymer 'TRIETHYLENE GLYCOL'
#
_entity_poly.entity_id   1
_entity_poly.type   'polypeptide(L)'
_entity_poly.pdbx_seq_one_letter_code
;MGKSLLRRYLDYPVLWKILWGLVLGAVFGLIAGHFGYAGAVKTYIKPFGDLFVRLLKMLVMPIVLASLVVGAASISPARL
GRVGVKIVVYYLATSAMAVFFGLIVGRLFNVGANVNLGSGTGKAIEAQPPSLVQTLLNIVPTNPFASLAKGEVLPVIFFA
IILGIAITYLMNRNEERVRKSAETLLRVFDGLAEAMYLIVGGVMQYAPIGVFALIAYVMAEQGVRVVGPLAKVVGAVYTG
LFLQIVITYFILLKVFGIDPIKFIRKAKDAMITAFVTRSSSGTLPVTMRVAEEEMGVDKGIFSFTLPLGATINMDGTALY
QGVTVLFVANAIGHPLTLGQQLVVVLTAVLASIGTAGVPGAGAIMLAMVLQSVGLDLTPGSPVALAYAMILGIDAILDMG
RTMVNVTGDLAGTVIVAKTEKELDESKWISHHHHHHHH
;
_entity_poly.pdbx_strand_id   A,B,C
#
# COMPACT_ATOMS: atom_id res chain seq x y z
N ARG A 7 18.11 16.64 28.39
CA ARG A 7 16.74 16.82 28.88
C ARG A 7 16.32 18.28 28.85
N ARG A 8 17.10 19.12 29.52
CA ARG A 8 16.82 20.56 29.58
C ARG A 8 17.40 21.30 28.39
N TYR A 9 17.18 20.74 27.20
CA TYR A 9 17.69 21.30 25.96
C TYR A 9 16.66 22.13 25.21
N LEU A 10 15.36 21.90 25.44
CA LEU A 10 14.31 22.70 24.82
C LEU A 10 14.19 24.09 25.42
N ASP A 11 14.97 24.43 26.45
CA ASP A 11 14.83 25.71 27.13
C ASP A 11 15.40 26.87 26.33
N TYR A 12 16.01 26.63 25.20
CA TYR A 12 16.54 27.67 24.34
C TYR A 12 15.60 27.88 23.16
N PRO A 13 15.54 29.09 22.59
CA PRO A 13 14.70 29.29 21.40
C PRO A 13 15.09 28.33 20.29
N VAL A 14 14.10 27.69 19.70
CA VAL A 14 14.37 26.65 18.70
C VAL A 14 14.94 27.26 17.43
N LEU A 15 14.62 28.53 17.17
CA LEU A 15 15.14 29.20 15.99
C LEU A 15 16.64 29.43 16.11
N TRP A 16 17.07 30.03 17.22
CA TRP A 16 18.49 30.16 17.50
C TRP A 16 19.16 28.79 17.55
N LYS A 17 18.44 27.77 18.01
CA LYS A 17 19.03 26.45 18.11
C LYS A 17 19.31 25.85 16.74
N ILE A 18 18.35 25.96 15.81
CA ILE A 18 18.61 25.44 14.47
C ILE A 18 19.68 26.26 13.75
N LEU A 19 19.72 27.58 14.00
CA LEU A 19 20.76 28.39 13.36
C LEU A 19 22.15 28.02 13.87
N TRP A 20 22.27 27.87 15.20
CA TRP A 20 23.52 27.42 15.79
C TRP A 20 23.90 26.04 15.27
N GLY A 21 22.94 25.13 15.20
CA GLY A 21 23.22 23.82 14.63
C GLY A 21 23.78 23.91 13.22
N LEU A 22 23.13 24.72 12.37
CA LEU A 22 23.59 24.87 11.01
C LEU A 22 25.03 25.38 10.95
N VAL A 23 25.32 26.49 11.64
CA VAL A 23 26.64 27.10 11.50
C VAL A 23 27.72 26.21 12.12
N LEU A 24 27.44 25.64 13.30
CA LEU A 24 28.42 24.78 13.95
C LEU A 24 28.66 23.52 13.13
N GLY A 25 27.61 22.95 12.54
CA GLY A 25 27.78 21.78 11.70
C GLY A 25 28.53 22.07 10.42
N ALA A 26 28.29 23.25 9.84
CA ALA A 26 29.06 23.63 8.66
C ALA A 26 30.54 23.70 8.96
N VAL A 27 30.90 24.44 10.03
CA VAL A 27 32.32 24.57 10.37
C VAL A 27 32.90 23.22 10.77
N PHE A 28 32.13 22.41 11.50
CA PHE A 28 32.60 21.10 11.96
C PHE A 28 32.85 20.17 10.78
N GLY A 29 31.91 20.13 9.83
CA GLY A 29 32.08 19.29 8.67
C GLY A 29 33.25 19.74 7.80
N LEU A 30 33.42 21.05 7.64
CA LEU A 30 34.57 21.54 6.87
C LEU A 30 35.88 21.12 7.53
N ILE A 31 35.97 21.27 8.86
CA ILE A 31 37.20 20.95 9.55
C ILE A 31 37.46 19.44 9.52
N ALA A 32 36.41 18.63 9.66
CA ALA A 32 36.59 17.19 9.71
C ALA A 32 36.83 16.59 8.32
N GLY A 33 36.32 17.23 7.27
CA GLY A 33 36.57 16.74 5.93
C GLY A 33 37.88 17.21 5.35
N HIS A 34 38.36 18.38 5.75
CA HIS A 34 39.67 18.82 5.32
C HIS A 34 40.79 18.01 5.94
N PHE A 35 40.51 17.22 6.97
CA PHE A 35 41.51 16.37 7.62
C PHE A 35 41.28 14.89 7.37
N GLY A 36 40.38 14.53 6.45
CA GLY A 36 40.22 13.15 6.04
C GLY A 36 39.40 12.27 6.97
N TYR A 37 38.83 12.83 8.03
CA TYR A 37 38.03 12.05 8.98
C TYR A 37 36.58 11.90 8.54
N ALA A 38 36.29 12.07 7.25
CA ALA A 38 34.91 12.02 6.78
C ALA A 38 34.25 10.67 7.06
N GLY A 39 35.02 9.58 7.07
CA GLY A 39 34.47 8.28 7.39
C GLY A 39 33.82 8.25 8.77
N ALA A 40 34.48 8.84 9.77
CA ALA A 40 33.91 8.91 11.10
C ALA A 40 32.60 9.70 11.11
N VAL A 41 32.55 10.80 10.36
CA VAL A 41 31.32 11.58 10.26
C VAL A 41 30.20 10.75 9.62
N LYS A 42 30.55 9.96 8.60
CA LYS A 42 29.54 9.14 7.94
C LYS A 42 29.08 8.00 8.84
N THR A 43 29.93 7.54 9.75
CA THR A 43 29.55 6.42 10.62
C THR A 43 28.77 6.86 11.86
N TYR A 44 29.19 7.94 12.52
CA TYR A 44 28.64 8.31 13.82
C TYR A 44 27.75 9.54 13.82
N ILE A 45 28.00 10.51 12.94
CA ILE A 45 27.28 11.78 13.01
C ILE A 45 26.05 11.78 12.10
N LYS A 46 26.19 11.28 10.87
CA LYS A 46 25.09 11.31 9.92
C LYS A 46 23.81 10.61 10.40
N PRO A 47 23.86 9.50 11.15
CA PRO A 47 22.60 8.86 11.58
C PRO A 47 21.59 9.79 12.25
N PHE A 48 22.04 10.84 12.95
CA PHE A 48 21.09 11.73 13.60
C PHE A 48 20.34 12.59 12.58
N GLY A 49 21.05 13.14 11.60
CA GLY A 49 20.38 13.82 10.51
C GLY A 49 19.47 12.90 9.72
N ASP A 50 19.87 11.64 9.56
CA ASP A 50 19.00 10.65 8.93
C ASP A 50 17.73 10.44 9.73
N LEU A 51 17.85 10.33 11.06
CA LEU A 51 16.68 10.22 11.91
C LEU A 51 15.76 11.41 11.76
N PHE A 52 16.34 12.62 11.71
CA PHE A 52 15.54 13.83 11.53
C PHE A 52 14.79 13.80 10.21
N VAL A 53 15.48 13.45 9.12
CA VAL A 53 14.82 13.45 7.81
C VAL A 53 13.77 12.35 7.73
N ARG A 54 13.99 11.22 8.42
CA ARG A 54 12.98 10.17 8.45
C ARG A 54 11.74 10.60 9.24
N LEU A 55 11.96 11.28 10.36
CA LEU A 55 10.84 11.81 11.14
C LEU A 55 10.03 12.81 10.31
N LEU A 56 10.71 13.62 9.50
CA LEU A 56 9.99 14.55 8.64
C LEU A 56 9.25 13.82 7.51
N LYS A 57 9.89 12.84 6.87
CA LYS A 57 9.26 12.08 5.81
C LYS A 57 8.02 11.33 6.31
N MET A 58 8.04 10.89 7.57
CA MET A 58 6.91 10.16 8.15
C MET A 58 5.60 10.92 8.00
N LEU A 59 5.65 12.25 8.16
CA LEU A 59 4.45 13.05 8.23
C LEU A 59 3.94 13.53 6.88
N VAL A 60 4.78 13.48 5.84
CA VAL A 60 4.47 14.15 4.57
C VAL A 60 3.11 13.72 4.03
N MET A 61 2.86 12.41 3.97
CA MET A 61 1.64 11.93 3.30
C MET A 61 0.38 12.23 4.10
N PRO A 62 0.27 11.86 5.39
CA PRO A 62 -0.99 12.13 6.10
C PRO A 62 -1.30 13.61 6.21
N ILE A 63 -0.29 14.45 6.48
CA ILE A 63 -0.54 15.88 6.64
C ILE A 63 -1.02 16.47 5.32
N VAL A 64 -0.41 16.07 4.20
CA VAL A 64 -0.81 16.61 2.90
C VAL A 64 -2.25 16.19 2.60
N LEU A 65 -2.54 14.89 2.74
CA LEU A 65 -3.88 14.40 2.45
C LEU A 65 -4.93 15.12 3.28
N ALA A 66 -4.76 15.14 4.60
CA ALA A 66 -5.78 15.71 5.48
C ALA A 66 -5.92 17.21 5.28
N SER A 67 -4.78 17.92 5.27
CA SER A 67 -4.82 19.37 5.08
C SER A 67 -5.49 19.75 3.77
N LEU A 68 -5.19 19.02 2.69
CA LEU A 68 -5.78 19.39 1.41
C LEU A 68 -7.26 19.05 1.37
N VAL A 69 -7.65 17.92 1.96
CA VAL A 69 -9.08 17.60 1.99
C VAL A 69 -9.84 18.68 2.74
N VAL A 70 -9.30 19.13 3.88
CA VAL A 70 -9.96 20.16 4.66
C VAL A 70 -9.99 21.49 3.90
N GLY A 71 -8.85 21.88 3.32
CA GLY A 71 -8.80 23.15 2.62
C GLY A 71 -9.69 23.21 1.39
N ALA A 72 -9.66 22.16 0.57
CA ALA A 72 -10.56 22.09 -0.57
C ALA A 72 -12.02 22.04 -0.13
N ALA A 73 -12.28 21.42 1.02
CA ALA A 73 -13.63 21.47 1.57
C ALA A 73 -14.01 22.89 1.98
N SER A 74 -13.15 23.56 2.74
CA SER A 74 -13.45 24.90 3.26
C SER A 74 -13.07 25.99 2.27
N ILE A 75 -13.49 25.84 1.01
CA ILE A 75 -13.21 26.84 -0.01
C ILE A 75 -14.12 26.57 -1.20
N SER A 76 -14.28 27.57 -2.07
CA SER A 76 -15.13 27.42 -3.24
C SER A 76 -14.35 26.78 -4.39
N PRO A 77 -15.00 25.93 -5.20
CA PRO A 77 -14.28 25.30 -6.33
C PRO A 77 -13.79 26.29 -7.35
N ALA A 78 -14.60 27.28 -7.72
CA ALA A 78 -14.15 28.30 -8.67
C ALA A 78 -13.01 29.13 -8.08
N ARG A 79 -13.13 29.48 -6.80
CA ARG A 79 -12.04 30.18 -6.12
C ARG A 79 -10.76 29.34 -6.12
N LEU A 80 -10.90 28.03 -5.86
CA LEU A 80 -9.72 27.16 -5.84
C LEU A 80 -9.10 27.05 -7.23
N GLY A 81 -9.92 27.00 -8.28
CA GLY A 81 -9.38 26.97 -9.63
C GLY A 81 -8.66 28.26 -9.99
N ARG A 82 -9.23 29.39 -9.59
CA ARG A 82 -8.54 30.67 -9.76
C ARG A 82 -7.21 30.68 -9.04
N VAL A 83 -7.19 30.14 -7.82
CA VAL A 83 -5.94 30.03 -7.05
C VAL A 83 -4.93 29.16 -7.80
N GLY A 84 -5.41 28.06 -8.40
CA GLY A 84 -4.52 27.20 -9.15
C GLY A 84 -3.92 27.90 -10.36
N VAL A 85 -4.73 28.65 -11.10
CA VAL A 85 -4.23 29.38 -12.26
C VAL A 85 -3.20 30.41 -11.82
N LYS A 86 -3.50 31.16 -10.76
CA LYS A 86 -2.57 32.16 -10.23
C LYS A 86 -1.25 31.52 -9.84
N ILE A 87 -1.30 30.43 -9.06
CA ILE A 87 -0.08 29.82 -8.56
C ILE A 87 0.71 29.18 -9.68
N VAL A 88 0.04 28.68 -10.72
CA VAL A 88 0.74 28.05 -11.84
C VAL A 88 1.47 29.12 -12.67
N VAL A 89 0.80 30.23 -12.97
CA VAL A 89 1.47 31.30 -13.71
C VAL A 89 2.64 31.85 -12.89
N TYR A 90 2.46 31.97 -11.57
CA TYR A 90 3.56 32.40 -10.72
C TYR A 90 4.74 31.44 -10.81
N TYR A 91 4.46 30.14 -10.70
CA TYR A 91 5.52 29.14 -10.73
C TYR A 91 6.29 29.22 -12.04
N LEU A 92 5.57 29.32 -13.16
CA LEU A 92 6.24 29.36 -14.45
C LEU A 92 7.09 30.62 -14.61
N ALA A 93 6.54 31.78 -14.23
CA ALA A 93 7.30 33.02 -14.35
C ALA A 93 8.55 32.98 -13.47
N THR A 94 8.42 32.47 -12.24
CA THR A 94 9.56 32.41 -11.35
C THR A 94 10.62 31.43 -11.85
N SER A 95 10.19 30.29 -12.40
CA SER A 95 11.14 29.34 -12.96
C SER A 95 11.91 29.96 -14.13
N ALA A 96 11.20 30.67 -15.01
CA ALA A 96 11.86 31.31 -16.14
C ALA A 96 12.86 32.36 -15.68
N MET A 97 12.45 33.22 -14.74
CA MET A 97 13.38 34.20 -14.19
C MET A 97 14.56 33.53 -13.53
N ALA A 98 14.35 32.34 -12.96
CA ALA A 98 15.43 31.61 -12.31
C ALA A 98 16.47 31.12 -13.31
N VAL A 99 16.02 30.54 -14.43
CA VAL A 99 16.99 30.13 -15.45
C VAL A 99 17.69 31.35 -16.02
N PHE A 100 16.98 32.47 -16.13
CA PHE A 100 17.60 33.68 -16.64
C PHE A 100 18.72 34.16 -15.71
N PHE A 101 18.43 34.19 -14.41
CA PHE A 101 19.45 34.56 -13.42
C PHE A 101 20.61 33.57 -13.42
N GLY A 102 20.31 32.29 -13.60
CA GLY A 102 21.37 31.29 -13.66
C GLY A 102 22.30 31.51 -14.82
N LEU A 103 21.74 31.77 -16.00
CA LEU A 103 22.58 32.08 -17.16
C LEU A 103 23.38 33.36 -16.94
N ILE A 104 22.77 34.36 -16.30
CA ILE A 104 23.48 35.61 -16.02
C ILE A 104 24.69 35.35 -15.15
N VAL A 105 24.49 34.67 -14.02
CA VAL A 105 25.59 34.44 -13.09
C VAL A 105 26.61 33.48 -13.68
N GLY A 106 26.18 32.55 -14.54
CA GLY A 106 27.13 31.67 -15.20
C GLY A 106 28.04 32.41 -16.16
N ARG A 107 27.46 33.27 -17.00
CA ARG A 107 28.30 34.07 -17.89
C ARG A 107 29.16 35.06 -17.12
N LEU A 108 28.66 35.55 -15.97
CA LEU A 108 29.45 36.49 -15.18
C LEU A 108 30.65 35.80 -14.55
N PHE A 109 30.43 34.64 -13.94
CA PHE A 109 31.53 33.88 -13.36
C PHE A 109 32.38 33.19 -14.42
N ASN A 110 31.92 33.16 -15.67
CA ASN A 110 32.62 32.46 -16.76
C ASN A 110 32.92 31.02 -16.38
N VAL A 111 31.86 30.30 -16.00
CA VAL A 111 32.00 28.95 -15.48
C VAL A 111 32.43 28.01 -16.61
N GLY A 112 33.42 27.17 -16.32
CA GLY A 112 33.92 26.19 -17.27
C GLY A 112 34.92 26.70 -18.28
N ALA A 113 35.37 27.95 -18.18
CA ALA A 113 36.26 28.50 -19.18
C ALA A 113 37.62 27.79 -19.20
N ASN A 114 38.16 27.48 -18.02
CA ASN A 114 39.50 26.94 -17.91
C ASN A 114 39.54 25.41 -17.84
N VAL A 115 38.42 24.74 -18.09
CA VAL A 115 38.43 23.28 -18.11
C VAL A 115 39.23 22.75 -19.30
N ASN A 116 39.09 23.39 -20.46
CA ASN A 116 39.88 23.11 -21.66
C ASN A 116 39.71 21.67 -22.13
N LEU A 117 38.50 21.37 -22.60
CA LEU A 117 38.18 20.09 -23.22
C LEU A 117 37.93 20.28 -24.72
N GLY A 118 38.06 19.18 -25.46
CA GLY A 118 37.91 19.19 -26.91
C GLY A 118 36.66 18.44 -27.36
N SER A 119 35.93 19.05 -28.27
CA SER A 119 34.72 18.45 -28.83
C SER A 119 34.50 18.98 -30.24
N GLY A 120 33.80 18.18 -31.05
CA GLY A 120 33.42 18.59 -32.39
C GLY A 120 31.94 18.81 -32.53
N THR A 121 31.38 18.65 -33.73
CA THR A 121 29.95 18.79 -33.96
C THR A 121 29.29 17.44 -34.20
N GLY A 122 29.70 16.43 -33.45
CA GLY A 122 29.18 15.08 -33.56
C GLY A 122 27.89 14.88 -32.79
N LYS A 123 26.77 15.40 -33.30
CA LYS A 123 25.53 15.44 -32.53
C LYS A 123 24.79 14.12 -32.65
N ALA A 124 25.08 13.21 -31.72
CA ALA A 124 24.46 11.89 -31.70
C ALA A 124 23.16 11.95 -30.91
N ILE A 125 22.18 11.14 -31.31
CA ILE A 125 20.87 11.16 -30.67
C ILE A 125 20.71 9.93 -29.77
N GLU A 126 20.08 10.13 -28.62
CA GLU A 126 19.84 9.08 -27.63
C GLU A 126 18.60 9.45 -26.83
N ALA A 127 18.21 8.53 -25.93
CA ALA A 127 17.28 8.86 -24.85
C ALA A 127 15.87 9.30 -25.25
N GLN A 128 15.04 8.39 -25.74
CA GLN A 128 13.68 8.77 -26.12
C GLN A 128 12.96 9.36 -24.90
N PRO A 129 12.43 10.58 -24.99
CA PRO A 129 11.72 11.18 -23.86
C PRO A 129 10.36 10.53 -23.64
N PRO A 130 9.99 10.27 -22.39
CA PRO A 130 8.64 9.77 -22.09
C PRO A 130 7.56 10.72 -22.58
N SER A 131 6.57 10.16 -23.28
CA SER A 131 5.49 10.96 -23.85
C SER A 131 4.77 11.76 -22.76
N LEU A 132 4.61 13.06 -23.02
CA LEU A 132 4.03 13.98 -22.03
C LEU A 132 2.59 13.61 -21.68
N VAL A 133 1.83 13.08 -22.64
CA VAL A 133 0.42 12.80 -22.39
C VAL A 133 0.25 11.79 -21.27
N GLN A 134 1.10 10.75 -21.23
CA GLN A 134 0.97 9.74 -20.18
C GLN A 134 1.29 10.33 -18.81
N THR A 135 2.30 11.21 -18.75
CA THR A 135 2.62 11.86 -17.47
C THR A 135 1.48 12.74 -17.01
N LEU A 136 0.87 13.49 -17.93
CA LEU A 136 -0.29 14.30 -17.57
C LEU A 136 -1.44 13.44 -17.06
N LEU A 137 -1.69 12.31 -17.73
CA LEU A 137 -2.75 11.40 -17.29
C LEU A 137 -2.46 10.80 -15.92
N ASN A 138 -1.18 10.55 -15.61
CA ASN A 138 -0.83 9.95 -14.33
C ASN A 138 -1.15 10.81 -13.13
N ILE A 139 -1.45 12.10 -13.33
CA ILE A 139 -1.95 12.94 -12.24
C ILE A 139 -3.21 12.31 -11.64
N VAL A 140 -4.06 11.73 -12.48
CA VAL A 140 -5.27 11.05 -12.02
C VAL A 140 -4.90 9.66 -11.52
N PRO A 141 -5.03 9.39 -10.22
CA PRO A 141 -4.69 8.06 -9.71
C PRO A 141 -5.66 7.00 -10.18
N THR A 142 -5.19 5.76 -10.17
CA THR A 142 -6.05 4.60 -10.37
C THR A 142 -6.38 3.87 -9.08
N ASN A 143 -5.68 4.19 -7.99
CA ASN A 143 -5.98 3.65 -6.67
C ASN A 143 -5.48 4.64 -5.63
N PRO A 144 -6.37 5.25 -4.85
CA PRO A 144 -5.90 6.23 -3.85
C PRO A 144 -5.08 5.59 -2.75
N PHE A 145 -5.45 4.39 -2.30
CA PHE A 145 -4.66 3.69 -1.31
C PHE A 145 -3.26 3.39 -1.84
N ALA A 146 -3.17 2.98 -3.11
CA ALA A 146 -1.86 2.71 -3.71
C ALA A 146 -1.03 3.98 -3.83
N SER A 147 -1.65 5.08 -4.28
CA SER A 147 -0.94 6.35 -4.36
C SER A 147 -0.45 6.81 -2.99
N LEU A 148 -1.24 6.55 -1.95
CA LEU A 148 -0.81 6.87 -0.59
C LEU A 148 0.40 6.04 -0.19
N ALA A 149 0.32 4.72 -0.42
CA ALA A 149 1.43 3.83 -0.04
C ALA A 149 2.70 4.17 -0.80
N LYS A 150 2.59 4.48 -2.10
CA LYS A 150 3.74 4.78 -2.93
C LYS A 150 4.28 6.19 -2.73
N GLY A 151 3.59 7.03 -1.98
CA GLY A 151 4.09 8.38 -1.74
C GLY A 151 4.02 9.29 -2.95
N GLU A 152 3.08 9.06 -3.85
CA GLU A 152 2.90 9.89 -5.03
C GLU A 152 2.04 11.11 -4.66
N VAL A 153 2.61 12.30 -4.78
CA VAL A 153 2.01 13.49 -4.18
C VAL A 153 0.91 14.07 -5.05
N LEU A 154 1.10 14.10 -6.37
CA LEU A 154 0.13 14.74 -7.27
C LEU A 154 -1.20 14.01 -7.36
N PRO A 155 -1.23 12.68 -7.48
CA PRO A 155 -2.53 11.98 -7.41
C PRO A 155 -3.24 12.18 -6.08
N VAL A 156 -2.48 12.21 -4.98
CA VAL A 156 -3.08 12.49 -3.68
C VAL A 156 -3.67 13.90 -3.67
N ILE A 157 -2.97 14.86 -4.27
CA ILE A 157 -3.49 16.22 -4.37
C ILE A 157 -4.82 16.23 -5.11
N PHE A 158 -4.86 15.57 -6.27
CA PHE A 158 -6.08 15.53 -7.06
C PHE A 158 -7.23 14.89 -6.29
N PHE A 159 -6.99 13.72 -5.72
CA PHE A 159 -8.02 13.00 -4.99
C PHE A 159 -8.50 13.81 -3.79
N ALA A 160 -7.59 14.47 -3.09
CA ALA A 160 -7.94 15.25 -1.91
C ALA A 160 -8.79 16.46 -2.29
N ILE A 161 -8.44 17.13 -3.40
CA ILE A 161 -9.25 18.24 -3.87
C ILE A 161 -10.67 17.76 -4.20
N ILE A 162 -10.76 16.64 -4.92
CA ILE A 162 -12.07 16.12 -5.29
C ILE A 162 -12.87 15.74 -4.05
N LEU A 163 -12.21 15.13 -3.06
CA LEU A 163 -12.89 14.70 -1.85
C LEU A 163 -13.37 15.90 -1.03
N GLY A 164 -12.55 16.95 -0.93
CA GLY A 164 -12.98 18.14 -0.23
C GLY A 164 -14.18 18.80 -0.89
N ILE A 165 -14.14 18.91 -2.22
CA ILE A 165 -15.28 19.48 -2.95
C ILE A 165 -16.53 18.64 -2.71
N ALA A 166 -16.39 17.31 -2.73
CA ALA A 166 -17.53 16.44 -2.51
C ALA A 166 -18.08 16.59 -1.09
N ILE A 167 -17.20 16.70 -0.09
CA ILE A 167 -17.66 16.84 1.28
C ILE A 167 -18.39 18.17 1.49
N THR A 168 -17.87 19.24 0.90
CA THR A 168 -18.55 20.53 1.03
C THR A 168 -19.91 20.51 0.35
N TYR A 169 -20.00 19.94 -0.84
CA TYR A 169 -21.30 19.85 -1.49
C TYR A 169 -22.23 18.88 -0.77
N LEU A 170 -21.69 17.91 -0.03
CA LEU A 170 -22.51 16.96 0.71
C LEU A 170 -23.08 17.58 1.98
N MET A 171 -22.30 18.45 2.64
CA MET A 171 -22.77 19.06 3.89
C MET A 171 -23.90 20.06 3.68
N ASN A 172 -24.24 20.38 2.43
CA ASN A 172 -25.32 21.32 2.14
C ASN A 172 -26.47 20.62 1.42
N ARG A 173 -26.88 19.48 1.95
CA ARG A 173 -27.96 18.69 1.36
C ARG A 173 -29.23 18.87 2.17
N ASN A 174 -30.38 18.75 1.49
CA ASN A 174 -31.65 18.91 2.19
C ASN A 174 -31.85 17.83 3.25
N GLU A 175 -31.30 16.65 3.02
CA GLU A 175 -31.31 15.60 4.03
C GLU A 175 -30.41 15.98 5.19
N GLU A 176 -30.69 15.39 6.36
CA GLU A 176 -29.97 15.74 7.59
C GLU A 176 -28.94 14.69 8.02
N ARG A 177 -29.25 13.40 7.87
CA ARG A 177 -28.30 12.35 8.25
C ARG A 177 -27.03 12.40 7.40
N VAL A 178 -27.17 12.65 6.10
CA VAL A 178 -26.00 12.71 5.22
C VAL A 178 -25.08 13.86 5.64
N ARG A 179 -25.68 14.98 6.04
CA ARG A 179 -24.89 16.13 6.49
C ARG A 179 -24.10 15.79 7.74
N LYS A 180 -24.71 15.06 8.67
CA LYS A 180 -24.01 14.66 9.89
C LYS A 180 -22.85 13.72 9.55
N SER A 181 -23.07 12.77 8.65
CA SER A 181 -21.99 11.86 8.28
C SER A 181 -20.84 12.60 7.60
N ALA A 182 -21.15 13.52 6.69
CA ALA A 182 -20.11 14.29 6.02
C ALA A 182 -19.33 15.14 7.02
N GLU A 183 -20.03 15.74 7.98
CA GLU A 183 -19.33 16.54 8.98
C GLU A 183 -18.44 15.67 9.85
N THR A 184 -18.88 14.45 10.17
CA THR A 184 -18.04 13.52 10.93
C THR A 184 -16.76 13.20 10.16
N LEU A 185 -16.89 12.92 8.86
CA LEU A 185 -15.71 12.64 8.03
C LEU A 185 -14.75 13.84 8.01
N LEU A 186 -15.31 15.04 7.83
CA LEU A 186 -14.48 16.24 7.80
C LEU A 186 -13.77 16.45 9.14
N ARG A 187 -14.44 16.12 10.25
N ARG A 187 -14.45 16.12 10.25
CA ARG A 187 -13.81 16.26 11.55
CA ARG A 187 -13.83 16.24 11.56
C ARG A 187 -12.69 15.23 11.74
C ARG A 187 -12.69 15.24 11.72
N VAL A 188 -12.86 14.03 11.20
CA VAL A 188 -11.77 13.04 11.23
C VAL A 188 -10.55 13.60 10.52
N PHE A 189 -10.75 14.14 9.31
CA PHE A 189 -9.63 14.71 8.56
C PHE A 189 -9.01 15.90 9.29
N ASP A 190 -9.84 16.75 9.91
CA ASP A 190 -9.33 17.90 10.63
C ASP A 190 -8.47 17.47 11.82
N GLY A 191 -8.94 16.49 12.59
CA GLY A 191 -8.14 16.00 13.70
C GLY A 191 -6.83 15.40 13.25
N LEU A 192 -6.85 14.63 12.16
CA LEU A 192 -5.60 14.07 11.64
C LEU A 192 -4.64 15.18 11.26
N ALA A 193 -5.12 16.22 10.57
CA ALA A 193 -4.25 17.31 10.16
C ALA A 193 -3.67 18.06 11.36
N GLU A 194 -4.51 18.35 12.36
CA GLU A 194 -4.02 19.06 13.54
C GLU A 194 -2.98 18.24 14.29
N ALA A 195 -3.21 16.93 14.43
CA ALA A 195 -2.21 16.07 15.04
C ALA A 195 -0.91 16.10 14.26
N MET A 196 -1.00 16.09 12.93
CA MET A 196 0.20 16.14 12.11
C MET A 196 0.99 17.43 12.33
N TYR A 197 0.29 18.56 12.40
CA TYR A 197 0.98 19.83 12.64
C TYR A 197 1.61 19.86 14.03
N LEU A 198 0.92 19.29 15.03
CA LEU A 198 1.51 19.20 16.36
C LEU A 198 2.78 18.36 16.34
N ILE A 199 2.77 17.25 15.60
CA ILE A 199 3.96 16.40 15.52
C ILE A 199 5.08 17.11 14.78
N VAL A 200 4.75 17.93 13.78
CA VAL A 200 5.77 18.73 13.10
C VAL A 200 6.42 19.68 14.08
N GLY A 201 5.60 20.39 14.87
CA GLY A 201 6.13 21.26 15.91
C GLY A 201 7.02 20.52 16.89
N GLY A 202 6.62 19.30 17.26
CA GLY A 202 7.45 18.51 18.16
C GLY A 202 8.80 18.14 17.56
N VAL A 203 8.78 17.67 16.31
CA VAL A 203 10.03 17.29 15.64
C VAL A 203 10.94 18.49 15.45
N MET A 204 10.36 19.69 15.31
CA MET A 204 11.19 20.89 15.17
C MET A 204 12.10 21.12 16.37
N GLN A 205 11.83 20.49 17.51
CA GLN A 205 12.73 20.60 18.65
C GLN A 205 13.98 19.75 18.47
N TYR A 206 13.83 18.58 17.84
CA TYR A 206 14.98 17.77 17.47
C TYR A 206 15.67 18.29 16.22
N ALA A 207 14.99 19.15 15.46
CA ALA A 207 15.54 19.70 14.23
C ALA A 207 16.95 20.29 14.34
N PRO A 208 17.36 20.97 15.42
CA PRO A 208 18.75 21.47 15.47
C PRO A 208 19.79 20.38 15.30
N ILE A 209 19.63 19.24 15.98
CA ILE A 209 20.59 18.14 15.84
C ILE A 209 20.62 17.66 14.40
N GLY A 210 19.44 17.53 13.77
CA GLY A 210 19.39 17.09 12.39
C GLY A 210 20.08 18.03 11.43
N VAL A 211 19.81 19.33 11.56
CA VAL A 211 20.47 20.30 10.67
C VAL A 211 21.97 20.28 10.88
N PHE A 212 22.42 20.25 12.15
CA PHE A 212 23.84 20.15 12.45
C PHE A 212 24.47 18.95 11.75
N ALA A 213 23.88 17.77 11.95
CA ALA A 213 24.47 16.55 11.41
C ALA A 213 24.48 16.55 9.89
N LEU A 214 23.40 17.02 9.27
CA LEU A 214 23.32 17.02 7.82
C LEU A 214 24.35 17.96 7.19
N ILE A 215 24.42 19.21 7.69
CA ILE A 215 25.40 20.14 7.12
C ILE A 215 26.81 19.65 7.41
N ALA A 216 27.03 19.01 8.56
CA ALA A 216 28.35 18.49 8.86
C ALA A 216 28.75 17.38 7.90
N TYR A 217 27.84 16.45 7.62
CA TYR A 217 28.15 15.37 6.69
C TYR A 217 28.41 15.92 5.29
N VAL A 218 27.57 16.86 4.84
CA VAL A 218 27.74 17.39 3.49
C VAL A 218 29.08 18.11 3.37
N MET A 219 29.44 18.93 4.36
CA MET A 219 30.70 19.64 4.29
C MET A 219 31.89 18.69 4.41
N ALA A 220 31.77 17.65 5.23
CA ALA A 220 32.86 16.69 5.36
C ALA A 220 33.08 15.93 4.05
N GLU A 221 32.00 15.51 3.39
CA GLU A 221 32.15 14.74 2.16
C GLU A 221 32.61 15.61 1.00
N GLN A 222 31.85 16.65 0.66
CA GLN A 222 32.10 17.42 -0.55
C GLN A 222 32.76 18.76 -0.28
N GLY A 223 33.39 18.92 0.87
CA GLY A 223 34.11 20.15 1.17
C GLY A 223 35.45 20.25 0.46
N VAL A 224 36.16 19.12 0.35
CA VAL A 224 37.45 19.13 -0.32
C VAL A 224 37.31 19.31 -1.83
N ARG A 225 36.15 18.95 -2.40
CA ARG A 225 36.00 18.96 -3.85
C ARG A 225 35.65 20.34 -4.42
N VAL A 226 35.42 21.34 -3.58
CA VAL A 226 35.01 22.67 -4.09
C VAL A 226 36.29 23.49 -4.24
N VAL A 227 37.03 23.19 -5.31
CA VAL A 227 38.22 23.93 -5.68
C VAL A 227 38.24 24.12 -7.19
N GLY A 228 38.89 25.19 -7.62
CA GLY A 228 39.07 25.46 -9.02
C GLY A 228 37.77 25.81 -9.73
N PRO A 229 37.55 25.21 -10.91
CA PRO A 229 36.31 25.52 -11.65
C PRO A 229 35.05 25.05 -10.95
N LEU A 230 35.13 23.95 -10.18
CA LEU A 230 33.97 23.54 -9.38
C LEU A 230 33.65 24.56 -8.31
N ALA A 231 34.68 25.17 -7.72
CA ALA A 231 34.46 26.25 -6.75
C ALA A 231 33.83 27.46 -7.43
N LYS A 232 34.26 27.78 -8.66
CA LYS A 232 33.63 28.87 -9.39
C LYS A 232 32.17 28.56 -9.68
N VAL A 233 31.85 27.30 -9.98
CA VAL A 233 30.47 26.91 -10.20
C VAL A 233 29.66 27.05 -8.91
N VAL A 234 30.24 26.65 -7.78
CA VAL A 234 29.56 26.79 -6.49
C VAL A 234 29.26 28.27 -6.24
N GLY A 235 30.26 29.12 -6.40
CA GLY A 235 30.05 30.55 -6.22
C GLY A 235 29.00 31.12 -7.16
N ALA A 236 29.03 30.71 -8.43
CA ALA A 236 28.07 31.20 -9.41
C ALA A 236 26.66 30.79 -9.04
N VAL A 237 26.47 29.52 -8.71
CA VAL A 237 25.11 29.03 -8.43
C VAL A 237 24.59 29.65 -7.13
N TYR A 238 25.44 29.85 -6.14
CA TYR A 238 24.96 30.44 -4.90
C TYR A 238 24.67 31.93 -5.07
N THR A 239 25.49 32.64 -5.85
CA THR A 239 25.17 34.02 -6.19
C THR A 239 23.86 34.12 -6.95
N GLY A 240 23.63 33.18 -7.87
CA GLY A 240 22.38 33.19 -8.61
C GLY A 240 21.18 32.89 -7.73
N LEU A 241 21.32 31.96 -6.78
CA LEU A 241 20.24 31.67 -5.86
C LEU A 241 19.95 32.87 -4.96
N PHE A 242 21.00 33.53 -4.47
CA PHE A 242 20.82 34.76 -3.71
C PHE A 242 20.12 35.83 -4.55
N LEU A 243 20.47 35.92 -5.83
CA LEU A 243 19.84 36.89 -6.72
C LEU A 243 18.35 36.58 -6.90
N GLN A 244 18.03 35.31 -7.17
CA GLN A 244 16.64 34.89 -7.28
C GLN A 244 15.85 35.25 -6.02
N ILE A 245 16.43 34.96 -4.85
CA ILE A 245 15.80 35.31 -3.59
C ILE A 245 15.55 36.82 -3.53
N VAL A 246 16.62 37.60 -3.62
CA VAL A 246 16.53 39.05 -3.44
C VAL A 246 15.72 39.68 -4.57
N ILE A 247 16.17 39.53 -5.80
CA ILE A 247 15.54 40.24 -6.92
C ILE A 247 14.13 39.73 -7.15
N THR A 248 13.99 38.47 -7.56
CA THR A 248 12.69 37.95 -7.96
C THR A 248 11.69 37.97 -6.80
N TYR A 249 12.02 37.26 -5.72
CA TYR A 249 11.03 37.01 -4.68
C TYR A 249 10.68 38.29 -3.91
N PHE A 250 11.69 39.09 -3.53
CA PHE A 250 11.40 40.30 -2.77
C PHE A 250 10.59 41.28 -3.60
N ILE A 251 10.92 41.43 -4.89
CA ILE A 251 10.15 42.34 -5.73
C ILE A 251 8.73 41.83 -5.91
N LEU A 252 8.55 40.53 -6.14
CA LEU A 252 7.21 39.97 -6.28
C LEU A 252 6.40 40.17 -5.01
N LEU A 253 7.04 40.08 -3.84
CA LEU A 253 6.32 40.28 -2.59
C LEU A 253 5.98 41.74 -2.37
N LYS A 254 6.92 42.64 -2.64
CA LYS A 254 6.70 44.06 -2.39
C LYS A 254 5.71 44.68 -3.36
N VAL A 255 5.71 44.23 -4.62
CA VAL A 255 4.72 44.73 -5.57
C VAL A 255 3.31 44.37 -5.11
N PHE A 256 3.15 43.17 -4.53
CA PHE A 256 1.88 42.75 -3.95
C PHE A 256 1.71 43.22 -2.51
N GLY A 257 2.52 44.16 -2.06
CA GLY A 257 2.30 44.81 -0.78
C GLY A 257 2.65 43.99 0.45
N ILE A 258 3.65 43.13 0.38
CA ILE A 258 4.11 42.35 1.53
C ILE A 258 5.53 42.78 1.86
N ASP A 259 5.81 42.95 3.15
CA ASP A 259 7.15 43.28 3.59
C ASP A 259 8.01 42.02 3.48
N PRO A 260 9.05 42.01 2.64
CA PRO A 260 9.79 40.76 2.40
C PRO A 260 10.60 40.29 3.59
N ILE A 261 11.10 41.20 4.43
CA ILE A 261 11.92 40.79 5.57
C ILE A 261 11.11 39.96 6.55
N LYS A 262 9.83 40.32 6.76
CA LYS A 262 8.98 39.49 7.59
C LYS A 262 8.79 38.10 6.98
N PHE A 263 8.56 38.04 5.66
CA PHE A 263 8.42 36.75 4.99
C PHE A 263 9.66 35.88 5.20
N ILE A 264 10.84 36.47 5.08
CA ILE A 264 12.07 35.68 5.24
C ILE A 264 12.25 35.25 6.70
N ARG A 265 12.08 36.18 7.64
CA ARG A 265 12.24 35.83 9.05
C ARG A 265 11.26 34.76 9.49
N LYS A 266 10.10 34.67 8.82
CA LYS A 266 9.15 33.61 9.14
C LYS A 266 9.52 32.30 8.45
N ALA A 267 9.86 32.38 7.15
CA ALA A 267 10.17 31.18 6.37
C ALA A 267 11.52 30.56 6.73
N LYS A 268 12.35 31.25 7.52
CA LYS A 268 13.69 30.75 7.82
C LYS A 268 13.71 29.31 8.30
N ASP A 269 12.68 28.88 9.04
CA ASP A 269 12.66 27.51 9.54
C ASP A 269 12.62 26.52 8.38
N ALA A 270 11.62 26.66 7.50
CA ALA A 270 11.54 25.80 6.32
C ALA A 270 12.75 25.98 5.41
N MET A 271 13.29 27.20 5.34
CA MET A 271 14.48 27.45 4.51
C MET A 271 15.67 26.63 5.01
N ILE A 272 15.96 26.72 6.31
CA ILE A 272 17.07 25.98 6.89
C ILE A 272 16.84 24.48 6.76
N THR A 273 15.59 24.04 6.98
CA THR A 273 15.29 22.61 6.88
C THR A 273 15.51 22.11 5.46
N ALA A 274 14.98 22.82 4.46
CA ALA A 274 15.21 22.45 3.07
C ALA A 274 16.69 22.46 2.72
N PHE A 275 17.42 23.48 3.16
CA PHE A 275 18.84 23.57 2.87
C PHE A 275 19.60 22.37 3.41
N VAL A 276 19.35 22.02 4.68
CA VAL A 276 20.15 20.96 5.29
C VAL A 276 19.68 19.57 4.87
N THR A 277 18.39 19.40 4.56
CA THR A 277 17.88 18.10 4.19
C THR A 277 17.92 17.85 2.68
N ARG A 278 18.02 18.91 1.88
CA ARG A 278 18.08 18.80 0.42
C ARG A 278 16.86 18.10 -0.16
N SER A 279 15.79 17.98 0.64
CA SER A 279 14.55 17.34 0.22
C SER A 279 13.41 18.33 0.35
N SER A 280 12.77 18.65 -0.78
CA SER A 280 11.65 19.58 -0.77
C SER A 280 10.42 18.96 -0.10
N SER A 281 9.99 17.80 -0.60
CA SER A 281 8.84 17.13 -0.01
C SER A 281 9.10 16.69 1.42
N GLY A 282 10.38 16.47 1.78
CA GLY A 282 10.68 16.13 3.16
C GLY A 282 10.57 17.31 4.10
N THR A 283 10.75 18.53 3.59
CA THR A 283 10.57 19.74 4.36
C THR A 283 9.11 20.24 4.31
N LEU A 284 8.33 19.75 3.34
CA LEU A 284 6.94 20.14 3.12
C LEU A 284 6.11 20.26 4.41
N PRO A 285 6.21 19.34 5.38
CA PRO A 285 5.46 19.56 6.63
C PRO A 285 5.90 20.82 7.37
N VAL A 286 7.20 21.05 7.50
CA VAL A 286 7.69 22.25 8.15
C VAL A 286 7.25 23.48 7.36
N THR A 287 7.29 23.38 6.03
CA THR A 287 6.87 24.49 5.18
C THR A 287 5.40 24.82 5.39
N MET A 288 4.54 23.80 5.52
CA MET A 288 3.13 24.05 5.75
C MET A 288 2.87 24.63 7.13
N ARG A 289 3.57 24.15 8.16
CA ARG A 289 3.38 24.74 9.48
C ARG A 289 3.82 26.20 9.50
N VAL A 290 4.93 26.51 8.81
CA VAL A 290 5.36 27.89 8.69
C VAL A 290 4.31 28.71 7.93
N ALA A 291 3.71 28.12 6.90
CA ALA A 291 2.66 28.81 6.15
C ALA A 291 1.48 29.15 7.04
N GLU A 292 1.05 28.19 7.88
CA GLU A 292 -0.14 28.43 8.69
C GLU A 292 0.15 29.35 9.87
N GLU A 293 1.10 28.98 10.72
CA GLU A 293 1.31 29.60 12.02
C GLU A 293 2.38 30.69 11.99
N GLU A 294 2.83 31.10 10.82
CA GLU A 294 3.75 32.22 10.72
C GLU A 294 3.25 33.16 9.63
N MET A 295 3.06 32.64 8.42
CA MET A 295 2.56 33.47 7.34
C MET A 295 1.09 33.84 7.54
N GLY A 296 0.31 32.93 8.12
CA GLY A 296 -1.10 33.19 8.31
C GLY A 296 -1.94 32.87 7.10
N VAL A 297 -1.54 31.85 6.33
CA VAL A 297 -2.27 31.46 5.13
C VAL A 297 -3.41 30.53 5.50
N ASP A 298 -4.53 30.67 4.81
CA ASP A 298 -5.67 29.78 5.03
C ASP A 298 -5.38 28.42 4.42
N LYS A 299 -5.95 27.37 5.04
CA LYS A 299 -5.71 26.01 4.56
C LYS A 299 -6.09 25.85 3.09
N GLY A 300 -7.23 26.42 2.70
CA GLY A 300 -7.69 26.31 1.31
C GLY A 300 -6.71 26.84 0.29
N ILE A 301 -5.71 27.61 0.71
CA ILE A 301 -4.68 28.11 -0.19
C ILE A 301 -3.46 27.20 -0.14
N PHE A 302 -2.78 27.16 1.01
CA PHE A 302 -1.48 26.51 1.06
C PHE A 302 -1.61 24.99 1.00
N SER A 303 -2.66 24.43 1.61
CA SER A 303 -2.85 22.98 1.57
C SER A 303 -2.93 22.45 0.16
N PHE A 304 -3.15 23.31 -0.82
CA PHE A 304 -3.10 22.97 -2.24
C PHE A 304 -1.85 23.46 -2.94
N THR A 305 -1.43 24.70 -2.66
CA THR A 305 -0.33 25.29 -3.41
C THR A 305 1.04 24.79 -2.97
N LEU A 306 1.23 24.46 -1.68
CA LEU A 306 2.55 24.09 -1.18
C LEU A 306 3.02 22.71 -1.63
N PRO A 307 2.18 21.67 -1.61
CA PRO A 307 2.63 20.39 -2.17
C PRO A 307 2.84 20.45 -3.68
N LEU A 308 1.92 21.08 -4.40
CA LEU A 308 2.11 21.28 -5.83
C LEU A 308 3.37 22.09 -6.10
N GLY A 309 3.66 23.08 -5.25
CA GLY A 309 4.87 23.87 -5.42
C GLY A 309 6.14 23.07 -5.16
N ALA A 310 6.13 22.25 -4.11
CA ALA A 310 7.27 21.39 -3.84
C ALA A 310 7.48 20.38 -4.94
N THR A 311 6.41 20.02 -5.66
CA THR A 311 6.54 19.03 -6.72
C THR A 311 7.00 19.64 -8.03
N ILE A 312 6.38 20.73 -8.47
CA ILE A 312 6.56 21.24 -9.83
C ILE A 312 7.17 22.63 -9.89
N ASN A 313 7.52 23.23 -8.75
CA ASN A 313 8.12 24.57 -8.76
C ASN A 313 9.50 24.49 -8.12
N MET A 314 10.54 24.51 -8.94
CA MET A 314 11.91 24.48 -8.46
C MET A 314 12.70 25.54 -9.23
N ASP A 315 12.61 26.79 -8.75
CA ASP A 315 13.41 27.86 -9.35
C ASP A 315 14.89 27.64 -9.11
N GLY A 316 15.24 27.12 -7.92
CA GLY A 316 16.63 26.83 -7.63
C GLY A 316 17.22 25.84 -8.62
N THR A 317 16.48 24.78 -8.93
CA THR A 317 16.96 23.80 -9.91
C THR A 317 17.06 24.40 -11.30
N ALA A 318 16.13 25.30 -11.65
CA ALA A 318 16.22 25.99 -12.94
C ALA A 318 17.52 26.80 -13.02
N LEU A 319 17.82 27.55 -11.97
CA LEU A 319 19.07 28.32 -11.94
C LEU A 319 20.28 27.41 -11.96
N TYR A 320 20.20 26.27 -11.25
CA TYR A 320 21.28 25.29 -11.26
C TYR A 320 21.56 24.81 -12.67
N GLN A 321 20.51 24.49 -13.42
CA GLN A 321 20.69 24.04 -14.80
C GLN A 321 21.25 25.17 -15.66
N GLY A 322 20.73 26.39 -15.47
CA GLY A 322 21.26 27.53 -16.21
C GLY A 322 22.76 27.71 -16.00
N VAL A 323 23.25 27.41 -14.80
CA VAL A 323 24.68 27.54 -14.53
C VAL A 323 25.45 26.35 -15.10
N THR A 324 24.94 25.12 -14.89
CA THR A 324 25.69 23.93 -15.26
C THR A 324 25.77 23.74 -16.77
N VAL A 325 24.74 24.12 -17.52
CA VAL A 325 24.80 23.98 -18.97
C VAL A 325 25.86 24.90 -19.54
N LEU A 326 25.92 26.14 -19.06
CA LEU A 326 26.97 27.06 -19.47
C LEU A 326 28.34 26.53 -19.06
N PHE A 327 28.44 25.94 -17.87
CA PHE A 327 29.71 25.38 -17.43
C PHE A 327 30.19 24.29 -18.38
N VAL A 328 29.33 23.33 -18.70
CA VAL A 328 29.72 22.23 -19.57
C VAL A 328 30.05 22.74 -20.97
N ALA A 329 29.24 23.69 -21.47
CA ALA A 329 29.49 24.24 -22.80
C ALA A 329 30.85 24.91 -22.88
N ASN A 330 31.19 25.72 -21.88
CA ASN A 330 32.50 26.35 -21.88
C ASN A 330 33.61 25.35 -21.60
N ALA A 331 33.30 24.27 -20.89
CA ALA A 331 34.29 23.24 -20.61
C ALA A 331 34.73 22.52 -21.88
N ILE A 332 33.77 22.03 -22.67
CA ILE A 332 34.11 21.31 -23.90
C ILE A 332 34.55 22.22 -25.03
N GLY A 333 34.47 23.54 -24.85
CA GLY A 333 34.93 24.47 -25.86
C GLY A 333 33.92 24.83 -26.92
N HIS A 334 32.63 24.69 -26.64
CA HIS A 334 31.55 25.09 -27.54
C HIS A 334 30.61 25.99 -26.75
N PRO A 335 30.98 27.24 -26.53
CA PRO A 335 30.14 28.14 -25.72
C PRO A 335 28.76 28.31 -26.32
N LEU A 336 27.77 28.46 -25.44
CA LEU A 336 26.39 28.63 -25.87
C LEU A 336 26.17 30.04 -26.40
N THR A 337 25.49 30.14 -27.54
CA THR A 337 25.09 31.43 -28.07
C THR A 337 23.94 31.99 -27.23
N LEU A 338 23.54 33.22 -27.56
CA LEU A 338 22.45 33.85 -26.82
C LEU A 338 21.13 33.14 -27.09
N GLY A 339 20.85 32.85 -28.36
CA GLY A 339 19.66 32.07 -28.69
C GLY A 339 19.68 30.70 -28.04
N GLN A 340 20.86 30.10 -27.92
CA GLN A 340 20.98 28.82 -27.23
C GLN A 340 20.63 28.97 -25.76
N GLN A 341 21.02 30.08 -25.14
CA GLN A 341 20.67 30.31 -23.75
C GLN A 341 19.17 30.55 -23.57
N LEU A 342 18.54 31.24 -24.53
CA LEU A 342 17.09 31.39 -24.49
C LEU A 342 16.40 30.03 -24.62
N VAL A 343 16.90 29.18 -25.53
CA VAL A 343 16.38 27.82 -25.63
C VAL A 343 16.59 27.07 -24.31
N VAL A 344 17.71 27.32 -23.64
CA VAL A 344 17.95 26.70 -22.34
C VAL A 344 16.88 27.10 -21.34
N VAL A 345 16.58 28.40 -21.27
CA VAL A 345 15.55 28.88 -20.33
C VAL A 345 14.20 28.25 -20.66
N LEU A 346 13.83 28.27 -21.94
CA LEU A 346 12.53 27.75 -22.35
C LEU A 346 12.41 26.27 -22.05
N THR A 347 13.42 25.49 -22.44
CA THR A 347 13.39 24.05 -22.20
C THR A 347 13.48 23.71 -20.73
N ALA A 348 14.11 24.56 -19.92
CA ALA A 348 14.16 24.32 -18.48
C ALA A 348 12.78 24.51 -17.86
N VAL A 349 12.07 25.57 -18.24
CA VAL A 349 10.70 25.73 -17.74
C VAL A 349 9.81 24.60 -18.25
N LEU A 350 9.96 24.23 -19.53
CA LEU A 350 9.16 23.16 -20.09
C LEU A 350 9.49 21.80 -19.50
N ALA A 351 10.70 21.62 -18.97
CA ALA A 351 11.06 20.39 -18.29
C ALA A 351 10.57 20.39 -16.85
N SER A 352 10.58 21.55 -16.19
CA SER A 352 9.93 21.65 -14.89
C SER A 352 8.44 21.37 -15.01
N ILE A 353 7.86 21.65 -16.18
CA ILE A 353 6.45 21.32 -16.40
C ILE A 353 6.28 19.85 -16.77
N GLY A 354 7.14 19.34 -17.66
CA GLY A 354 7.01 17.99 -18.17
C GLY A 354 7.51 16.90 -17.24
N THR A 355 8.29 17.26 -16.23
CA THR A 355 8.74 16.28 -15.25
C THR A 355 8.03 16.46 -13.92
N ALA A 356 6.70 16.37 -13.95
CA ALA A 356 5.87 16.53 -12.76
C ALA A 356 5.60 15.16 -12.14
N GLY A 357 6.25 14.88 -11.02
CA GLY A 357 6.05 13.64 -10.29
C GLY A 357 6.72 12.41 -10.86
N VAL A 358 7.31 12.48 -12.04
CA VAL A 358 8.06 11.35 -12.60
C VAL A 358 9.27 11.11 -11.72
N PRO A 359 9.46 9.90 -11.19
CA PRO A 359 10.57 9.68 -10.26
C PRO A 359 11.93 9.83 -10.94
N GLY A 360 12.89 10.38 -10.20
CA GLY A 360 14.23 10.60 -10.71
C GLY A 360 14.23 11.51 -11.92
N ALA A 361 13.54 12.65 -11.82
CA ALA A 361 13.37 13.56 -12.94
C ALA A 361 14.43 14.64 -13.03
N GLY A 362 15.30 14.80 -12.03
CA GLY A 362 16.30 15.85 -12.09
C GLY A 362 17.35 15.59 -13.15
N ALA A 363 17.86 14.35 -13.20
CA ALA A 363 18.77 13.96 -14.26
C ALA A 363 18.09 13.98 -15.62
N ILE A 364 16.81 13.63 -15.67
CA ILE A 364 16.06 13.71 -16.92
C ILE A 364 16.01 15.17 -17.41
N MET A 365 15.71 16.10 -16.50
CA MET A 365 15.63 17.51 -16.87
C MET A 365 16.98 18.02 -17.36
N LEU A 366 18.05 17.69 -16.64
CA LEU A 366 19.38 18.16 -17.04
C LEU A 366 19.79 17.55 -18.38
N ALA A 367 19.53 16.25 -18.58
CA ALA A 367 19.80 15.63 -19.87
C ALA A 367 19.01 16.31 -20.99
N MET A 368 17.75 16.66 -20.73
CA MET A 368 16.94 17.29 -21.76
C MET A 368 17.46 18.68 -22.11
N VAL A 369 17.84 19.47 -21.11
CA VAL A 369 18.36 20.81 -21.41
C VAL A 369 19.70 20.71 -22.15
N LEU A 370 20.56 19.76 -21.76
CA LEU A 370 21.81 19.57 -22.48
C LEU A 370 21.57 19.13 -23.92
N GLN A 371 20.62 18.21 -24.13
CA GLN A 371 20.29 17.73 -25.47
C GLN A 371 19.70 18.84 -26.33
N SER A 372 18.92 19.75 -25.74
CA SER A 372 18.28 20.80 -26.51
C SER A 372 19.27 21.70 -27.24
N VAL A 373 20.52 21.77 -26.76
CA VAL A 373 21.57 22.54 -27.42
C VAL A 373 22.58 21.66 -28.12
N GLY A 374 22.48 20.34 -27.99
CA GLY A 374 23.36 19.42 -28.68
C GLY A 374 24.37 18.71 -27.79
N LEU A 375 24.53 19.14 -26.54
CA LEU A 375 25.47 18.49 -25.63
C LEU A 375 24.93 17.12 -25.22
N ASP A 376 25.23 16.10 -26.02
CA ASP A 376 24.64 14.78 -25.87
C ASP A 376 25.52 13.90 -24.98
N LEU A 377 24.90 13.31 -23.95
CA LEU A 377 25.63 12.62 -22.89
C LEU A 377 25.99 11.19 -23.32
N THR A 378 26.93 11.11 -24.26
CA THR A 378 27.47 9.81 -24.65
C THR A 378 28.57 9.40 -23.67
N PRO A 379 28.64 8.13 -23.28
CA PRO A 379 29.68 7.71 -22.34
C PRO A 379 31.08 7.94 -22.90
N GLY A 380 31.99 8.36 -22.03
CA GLY A 380 33.34 8.69 -22.42
C GLY A 380 33.50 10.04 -23.08
N SER A 381 32.41 10.64 -23.57
CA SER A 381 32.49 11.93 -24.24
C SER A 381 32.88 13.03 -23.26
N PRO A 382 33.44 14.14 -23.76
CA PRO A 382 33.81 15.25 -22.87
C PRO A 382 32.64 15.86 -22.11
N VAL A 383 31.45 15.92 -22.70
CA VAL A 383 30.31 16.47 -22.00
C VAL A 383 29.94 15.61 -20.79
N ALA A 384 30.03 14.28 -20.94
CA ALA A 384 29.81 13.40 -19.79
C ALA A 384 30.86 13.62 -18.72
N LEU A 385 32.10 13.88 -19.13
CA LEU A 385 33.17 14.16 -18.17
C LEU A 385 32.87 15.43 -17.39
N ALA A 386 32.48 16.49 -18.07
CA ALA A 386 32.14 17.74 -17.39
C ALA A 386 30.91 17.56 -16.50
N TYR A 387 29.96 16.73 -16.94
CA TYR A 387 28.78 16.48 -16.13
C TYR A 387 29.13 15.73 -14.85
N ALA A 388 30.04 14.77 -14.92
CA ALA A 388 30.49 14.10 -13.70
C ALA A 388 31.29 15.04 -12.82
N MET A 389 32.08 15.93 -13.43
CA MET A 389 32.75 16.99 -12.67
C MET A 389 31.74 17.80 -11.87
N ILE A 390 30.61 18.15 -12.50
CA ILE A 390 29.56 18.90 -11.81
C ILE A 390 28.95 18.05 -10.70
N LEU A 391 28.61 16.79 -11.00
CA LEU A 391 28.02 15.90 -10.01
C LEU A 391 28.95 15.69 -8.81
N GLY A 392 30.23 16.01 -8.96
CA GLY A 392 31.13 15.96 -7.82
C GLY A 392 30.71 16.87 -6.67
N ILE A 393 30.04 17.98 -6.97
CA ILE A 393 29.63 18.95 -5.95
C ILE A 393 28.11 19.05 -5.90
N ASP A 394 27.45 17.95 -6.26
CA ASP A 394 25.99 17.95 -6.40
C ASP A 394 25.29 18.31 -5.10
N ALA A 395 25.77 17.78 -3.97
CA ALA A 395 25.10 18.02 -2.70
C ALA A 395 25.30 19.47 -2.24
N ILE A 396 26.52 19.99 -2.40
CA ILE A 396 26.80 21.39 -2.09
C ILE A 396 25.85 22.30 -2.85
N LEU A 397 25.59 21.98 -4.11
CA LEU A 397 24.64 22.81 -4.86
C LEU A 397 23.20 22.50 -4.48
N ASP A 398 22.92 21.24 -4.11
CA ASP A 398 21.56 20.80 -3.83
C ASP A 398 20.99 21.50 -2.60
N MET A 399 21.83 21.72 -1.58
CA MET A 399 21.37 22.42 -0.39
C MET A 399 20.72 23.77 -0.75
N GLY A 400 21.50 24.63 -1.42
CA GLY A 400 20.99 25.94 -1.77
C GLY A 400 19.83 25.90 -2.76
N ARG A 401 19.91 25.03 -3.76
CA ARG A 401 18.82 25.00 -4.73
C ARG A 401 17.51 24.55 -4.08
N THR A 402 17.57 23.56 -3.19
CA THR A 402 16.37 23.15 -2.46
C THR A 402 15.84 24.28 -1.59
N MET A 403 16.74 25.00 -0.91
CA MET A 403 16.32 26.15 -0.12
C MET A 403 15.53 27.14 -0.97
N VAL A 404 16.07 27.46 -2.15
CA VAL A 404 15.41 28.44 -3.01
C VAL A 404 14.10 27.89 -3.57
N ASN A 405 14.02 26.59 -3.84
CA ASN A 405 12.76 26.00 -4.28
C ASN A 405 11.68 26.20 -3.22
N VAL A 406 11.99 25.87 -1.97
CA VAL A 406 10.99 25.99 -0.91
C VAL A 406 10.64 27.46 -0.67
N THR A 407 11.62 28.36 -0.81
CA THR A 407 11.34 29.78 -0.62
C THR A 407 10.42 30.30 -1.70
N GLY A 408 10.65 29.92 -2.96
CA GLY A 408 9.76 30.32 -4.03
C GLY A 408 8.36 29.78 -3.85
N ASP A 409 8.25 28.52 -3.40
CA ASP A 409 6.95 27.94 -3.12
C ASP A 409 6.20 28.78 -2.08
N LEU A 410 6.87 29.10 -0.97
CA LEU A 410 6.23 29.89 0.08
C LEU A 410 5.85 31.28 -0.40
N ALA A 411 6.72 31.92 -1.20
CA ALA A 411 6.40 33.26 -1.70
C ALA A 411 5.18 33.24 -2.60
N GLY A 412 5.10 32.26 -3.51
CA GLY A 412 3.92 32.16 -4.36
C GLY A 412 2.66 31.89 -3.55
N THR A 413 2.75 31.00 -2.57
CA THR A 413 1.59 30.72 -1.73
C THR A 413 1.11 31.98 -1.01
N VAL A 414 2.05 32.73 -0.43
CA VAL A 414 1.66 33.94 0.31
C VAL A 414 1.07 34.99 -0.62
N ILE A 415 1.61 35.11 -1.84
CA ILE A 415 1.09 36.10 -2.78
C ILE A 415 -0.33 35.73 -3.19
N VAL A 416 -0.55 34.47 -3.59
CA VAL A 416 -1.88 34.05 -4.01
C VAL A 416 -2.86 34.11 -2.84
N ALA A 417 -2.41 33.86 -1.62
CA ALA A 417 -3.28 33.97 -0.46
C ALA A 417 -3.69 35.42 -0.22
N LYS A 418 -2.73 36.34 -0.29
CA LYS A 418 -3.06 37.76 -0.10
C LYS A 418 -4.01 38.25 -1.19
N THR A 419 -3.87 37.75 -2.42
CA THR A 419 -4.77 38.18 -3.49
C THR A 419 -6.20 37.71 -3.22
N GLU A 420 -6.37 36.47 -2.78
CA GLU A 420 -7.68 35.89 -2.50
C GLU A 420 -8.23 36.30 -1.14
N LYS A 421 -7.61 37.28 -0.47
CA LYS A 421 -8.04 37.79 0.83
C LYS A 421 -8.01 36.73 1.92
N GLU A 422 -7.32 35.61 1.69
CA GLU A 422 -7.21 34.55 2.68
C GLU A 422 -5.95 34.69 3.55
N LEU A 423 -5.34 35.87 3.57
CA LEU A 423 -4.15 36.11 4.39
C LEU A 423 -4.54 36.89 5.64
N ASP A 424 -4.14 36.38 6.79
CA ASP A 424 -4.47 37.02 8.07
C ASP A 424 -3.45 38.12 8.37
N GLU A 425 -3.88 39.38 8.21
CA GLU A 425 -2.97 40.51 8.36
C GLU A 425 -2.55 40.75 9.80
N SER A 426 -3.30 40.22 10.78
CA SER A 426 -2.95 40.41 12.19
C SER A 426 -1.53 39.96 12.50
N LYS A 427 -1.03 38.96 11.77
CA LYS A 427 0.29 38.42 12.02
C LYS A 427 1.41 39.37 11.60
N TRP A 428 1.09 40.48 10.95
CA TRP A 428 2.10 41.36 10.36
C TRP A 428 2.23 42.71 11.06
N ILE A 429 1.51 42.94 12.15
CA ILE A 429 1.50 44.24 12.83
C ILE A 429 2.39 44.19 14.08
N SER A 430 3.36 45.09 14.15
CA SER A 430 4.22 45.24 15.31
C SER A 430 3.63 46.26 16.28
N HIS A 431 3.88 46.05 17.57
CA HIS A 431 3.38 46.92 18.63
C HIS A 431 1.87 47.13 18.53
N ARG B 8 -20.11 25.32 -21.60
CA ARG B 8 -21.24 25.52 -22.49
C ARG B 8 -21.66 24.19 -23.12
N TYR B 9 -20.98 23.12 -22.73
CA TYR B 9 -21.25 21.78 -23.21
C TYR B 9 -22.08 20.95 -22.23
N LEU B 10 -22.05 21.29 -20.94
CA LEU B 10 -22.81 20.58 -19.92
C LEU B 10 -24.31 20.87 -19.98
N ASP B 11 -24.75 21.78 -20.85
CA ASP B 11 -26.15 22.19 -20.91
C ASP B 11 -27.04 21.17 -21.62
N TYR B 12 -26.50 20.06 -22.10
CA TYR B 12 -27.24 19.04 -22.82
C TYR B 12 -27.60 17.88 -21.89
N PRO B 13 -28.72 17.19 -22.15
CA PRO B 13 -29.05 15.99 -21.38
C PRO B 13 -27.95 14.95 -21.46
N VAL B 14 -27.60 14.38 -20.31
CA VAL B 14 -26.46 13.49 -20.24
C VAL B 14 -26.72 12.17 -20.96
N LEU B 15 -27.97 11.74 -21.03
CA LEU B 15 -28.27 10.48 -21.72
C LEU B 15 -28.07 10.61 -23.23
N TRP B 16 -28.70 11.63 -23.83
CA TRP B 16 -28.43 11.93 -25.23
C TRP B 16 -26.97 12.24 -25.46
N LYS B 17 -26.29 12.84 -24.48
CA LYS B 17 -24.87 13.13 -24.67
C LYS B 17 -24.05 11.85 -24.75
N ILE B 18 -24.33 10.87 -23.88
CA ILE B 18 -23.60 9.62 -23.93
C ILE B 18 -23.92 8.86 -25.22
N LEU B 19 -25.18 8.91 -25.66
CA LEU B 19 -25.53 8.23 -26.91
C LEU B 19 -24.86 8.89 -28.11
N TRP B 20 -24.89 10.22 -28.17
CA TRP B 20 -24.20 10.94 -29.24
C TRP B 20 -22.71 10.65 -29.22
N GLY B 21 -22.09 10.66 -28.04
CA GLY B 21 -20.70 10.31 -27.95
C GLY B 21 -20.41 8.93 -28.51
N LEU B 22 -21.21 7.94 -28.12
CA LEU B 22 -21.02 6.58 -28.62
C LEU B 22 -21.11 6.52 -30.14
N VAL B 23 -22.22 7.02 -30.70
CA VAL B 23 -22.44 6.84 -32.13
C VAL B 23 -21.45 7.68 -32.94
N LEU B 24 -21.19 8.92 -32.51
CA LEU B 24 -20.25 9.78 -33.22
C LEU B 24 -18.84 9.20 -33.15
N GLY B 25 -18.44 8.64 -32.01
CA GLY B 25 -17.13 8.03 -31.92
C GLY B 25 -17.03 6.78 -32.76
N ALA B 26 -18.09 5.97 -32.81
CA ALA B 26 -18.08 4.80 -33.66
C ALA B 26 -17.87 5.19 -35.12
N VAL B 27 -18.68 6.12 -35.63
CA VAL B 27 -18.58 6.51 -37.02
C VAL B 27 -17.24 7.20 -37.30
N PHE B 28 -16.79 8.04 -36.37
CA PHE B 28 -15.54 8.77 -36.55
C PHE B 28 -14.36 7.82 -36.57
N GLY B 29 -14.32 6.88 -35.64
CA GLY B 29 -13.24 5.91 -35.62
C GLY B 29 -13.24 5.02 -36.85
N LEU B 30 -14.43 4.59 -37.29
CA LEU B 30 -14.50 3.76 -38.49
C LEU B 30 -13.98 4.51 -39.72
N ILE B 31 -14.40 5.76 -39.90
CA ILE B 31 -13.96 6.51 -41.07
C ILE B 31 -12.48 6.85 -40.97
N ALA B 32 -11.99 7.16 -39.76
CA ALA B 32 -10.60 7.56 -39.61
C ALA B 32 -9.64 6.37 -39.68
N GLY B 33 -10.11 5.18 -39.33
CA GLY B 33 -9.29 4.00 -39.48
C GLY B 33 -9.34 3.45 -40.89
N HIS B 34 -10.46 3.67 -41.59
CA HIS B 34 -10.54 3.32 -43.00
C HIS B 34 -9.67 4.22 -43.87
N PHE B 35 -9.19 5.34 -43.34
CA PHE B 35 -8.33 6.25 -44.07
C PHE B 35 -6.90 6.27 -43.53
N GLY B 36 -6.55 5.35 -42.64
CA GLY B 36 -5.19 5.18 -42.19
C GLY B 36 -4.70 6.17 -41.14
N TYR B 37 -5.54 7.10 -40.68
CA TYR B 37 -5.14 8.06 -39.65
C TYR B 37 -5.35 7.52 -38.24
N ALA B 38 -5.44 6.20 -38.08
CA ALA B 38 -5.71 5.63 -36.76
C ALA B 38 -4.63 6.01 -35.76
N GLY B 39 -3.39 6.16 -36.22
CA GLY B 39 -2.33 6.62 -35.33
C GLY B 39 -2.68 7.94 -34.68
N ALA B 40 -3.21 8.89 -35.46
CA ALA B 40 -3.65 10.15 -34.89
C ALA B 40 -4.72 9.91 -33.84
N VAL B 41 -5.64 8.97 -34.10
CA VAL B 41 -6.64 8.62 -33.11
C VAL B 41 -5.98 8.08 -31.86
N LYS B 42 -4.92 7.28 -32.03
CA LYS B 42 -4.17 6.81 -30.89
C LYS B 42 -3.37 7.93 -30.24
N THR B 43 -2.99 8.94 -31.03
CA THR B 43 -2.18 10.04 -30.52
C THR B 43 -3.02 11.15 -29.90
N TYR B 44 -4.12 11.54 -30.53
CA TYR B 44 -4.85 12.73 -30.14
C TYR B 44 -6.20 12.46 -29.50
N ILE B 45 -6.90 11.39 -29.88
CA ILE B 45 -8.26 11.14 -29.42
C ILE B 45 -8.29 10.21 -28.21
N LYS B 46 -7.51 9.11 -28.26
CA LYS B 46 -7.55 8.12 -27.18
C LYS B 46 -7.23 8.66 -25.79
N PRO B 47 -6.30 9.62 -25.61
CA PRO B 47 -6.04 10.12 -24.25
C PRO B 47 -7.27 10.55 -23.48
N PHE B 48 -8.32 11.01 -24.15
CA PHE B 48 -9.53 11.45 -23.43
C PHE B 48 -10.26 10.26 -22.83
N GLY B 49 -10.44 9.19 -23.61
CA GLY B 49 -11.00 7.97 -23.06
C GLY B 49 -10.12 7.37 -21.97
N ASP B 50 -8.80 7.50 -22.13
CA ASP B 50 -7.89 7.03 -21.09
C ASP B 50 -8.12 7.81 -19.79
N LEU B 51 -8.28 9.13 -19.89
CA LEU B 51 -8.60 9.95 -18.73
C LEU B 51 -9.90 9.51 -18.08
N PHE B 52 -10.91 9.22 -18.89
CA PHE B 52 -12.19 8.75 -18.36
C PHE B 52 -12.03 7.45 -17.58
N VAL B 53 -11.31 6.48 -18.15
CA VAL B 53 -11.14 5.19 -17.48
C VAL B 53 -10.31 5.35 -16.22
N ARG B 54 -9.33 6.25 -16.23
CA ARG B 54 -8.54 6.49 -15.02
C ARG B 54 -9.39 7.14 -13.92
N LEU B 55 -10.26 8.07 -14.30
CA LEU B 55 -11.16 8.68 -13.32
C LEU B 55 -12.09 7.64 -12.71
N LEU B 56 -12.55 6.67 -13.50
CA LEU B 56 -13.40 5.63 -12.92
C LEU B 56 -12.61 4.69 -12.02
N LYS B 57 -11.42 4.25 -12.46
CA LYS B 57 -10.60 3.37 -11.64
C LYS B 57 -10.21 4.04 -10.33
N MET B 58 -10.04 5.36 -10.33
CA MET B 58 -9.74 6.07 -9.08
C MET B 58 -10.80 5.79 -8.03
N LEU B 59 -12.07 5.72 -8.45
CA LEU B 59 -13.17 5.58 -7.52
C LEU B 59 -13.53 4.14 -7.22
N VAL B 60 -13.09 3.19 -8.07
CA VAL B 60 -13.56 1.80 -7.93
C VAL B 60 -13.36 1.26 -6.51
N MET B 61 -12.14 1.43 -5.97
CA MET B 61 -11.83 0.79 -4.68
C MET B 61 -12.54 1.44 -3.50
N PRO B 62 -12.43 2.76 -3.26
CA PRO B 62 -13.08 3.33 -2.07
C PRO B 62 -14.59 3.14 -2.05
N ILE B 63 -15.24 3.27 -3.21
CA ILE B 63 -16.69 3.08 -3.24
C ILE B 63 -17.04 1.67 -2.83
N VAL B 64 -16.27 0.68 -3.29
CA VAL B 64 -16.55 -0.72 -2.93
C VAL B 64 -16.41 -0.90 -1.43
N LEU B 65 -15.28 -0.44 -0.87
CA LEU B 65 -15.05 -0.61 0.56
C LEU B 65 -16.16 0.02 1.39
N ALA B 66 -16.43 1.32 1.15
CA ALA B 66 -17.37 2.05 1.99
C ALA B 66 -18.80 1.55 1.79
N SER B 67 -19.23 1.39 0.53
CA SER B 67 -20.57 0.92 0.27
C SER B 67 -20.80 -0.46 0.88
N LEU B 68 -19.81 -1.36 0.79
CA LEU B 68 -20.04 -2.70 1.31
C LEU B 68 -20.05 -2.72 2.83
N VAL B 69 -19.16 -1.95 3.48
CA VAL B 69 -19.21 -1.93 4.94
C VAL B 69 -20.54 -1.35 5.41
N VAL B 70 -21.03 -0.31 4.75
CA VAL B 70 -22.31 0.29 5.13
C VAL B 70 -23.46 -0.69 4.90
N GLY B 71 -23.49 -1.33 3.73
CA GLY B 71 -24.58 -2.24 3.42
C GLY B 71 -24.59 -3.47 4.32
N ALA B 72 -23.43 -4.09 4.52
CA ALA B 72 -23.34 -5.23 5.43
C ALA B 72 -23.68 -4.81 6.86
N ALA B 73 -23.37 -3.58 7.23
CA ALA B 73 -23.80 -3.08 8.53
C ALA B 73 -25.31 -2.97 8.61
N SER B 74 -25.92 -2.35 7.61
CA SER B 74 -27.37 -2.11 7.60
C SER B 74 -28.16 -3.29 7.05
N ILE B 75 -27.87 -4.49 7.55
CA ILE B 75 -28.58 -5.70 7.14
C ILE B 75 -28.27 -6.79 8.15
N SER B 76 -29.13 -7.84 8.19
CA SER B 76 -28.98 -8.99 9.05
C SER B 76 -28.05 -10.02 8.43
N PRO B 77 -27.27 -10.73 9.23
CA PRO B 77 -26.37 -11.75 8.68
C PRO B 77 -27.08 -12.87 7.94
N ALA B 78 -28.20 -13.35 8.48
CA ALA B 78 -28.97 -14.38 7.78
C ALA B 78 -29.50 -13.85 6.45
N ARG B 79 -29.96 -12.59 6.44
CA ARG B 79 -30.37 -11.95 5.20
C ARG B 79 -29.21 -11.90 4.21
N LEU B 80 -28.02 -11.55 4.68
CA LEU B 80 -26.86 -11.46 3.79
C LEU B 80 -26.50 -12.82 3.22
N GLY B 81 -26.56 -13.87 4.03
CA GLY B 81 -26.27 -15.21 3.52
C GLY B 81 -27.29 -15.68 2.51
N ARG B 82 -28.57 -15.43 2.77
CA ARG B 82 -29.61 -15.76 1.81
C ARG B 82 -29.40 -15.02 0.50
N VAL B 83 -29.08 -13.72 0.57
CA VAL B 83 -28.79 -12.95 -0.63
C VAL B 83 -27.61 -13.53 -1.38
N GLY B 84 -26.56 -13.93 -0.65
CA GLY B 84 -25.39 -14.50 -1.29
C GLY B 84 -25.68 -15.79 -2.02
N VAL B 85 -26.42 -16.70 -1.38
CA VAL B 85 -26.74 -17.96 -2.04
C VAL B 85 -27.62 -17.71 -3.26
N LYS B 86 -28.62 -16.83 -3.15
CA LYS B 86 -29.46 -16.51 -4.29
C LYS B 86 -28.64 -15.96 -5.45
N ILE B 87 -27.78 -14.99 -5.17
CA ILE B 87 -27.03 -14.33 -6.23
C ILE B 87 -26.01 -15.29 -6.84
N VAL B 88 -25.47 -16.23 -6.05
CA VAL B 88 -24.53 -17.19 -6.60
C VAL B 88 -25.24 -18.16 -7.54
N VAL B 89 -26.41 -18.65 -7.13
CA VAL B 89 -27.18 -19.53 -8.01
C VAL B 89 -27.55 -18.80 -9.30
N TYR B 90 -27.96 -17.54 -9.18
CA TYR B 90 -28.26 -16.75 -10.38
C TYR B 90 -27.04 -16.65 -11.30
N TYR B 91 -25.88 -16.32 -10.73
CA TYR B 91 -24.68 -16.16 -11.53
C TYR B 91 -24.33 -17.44 -12.27
N LEU B 92 -24.41 -18.58 -11.57
CA LEU B 92 -24.08 -19.85 -12.22
C LEU B 92 -25.07 -20.17 -13.33
N ALA B 93 -26.37 -19.97 -13.08
CA ALA B 93 -27.36 -20.25 -14.11
C ALA B 93 -27.16 -19.37 -15.34
N THR B 94 -26.87 -18.08 -15.12
CA THR B 94 -26.69 -17.18 -16.25
C THR B 94 -25.42 -17.52 -17.03
N SER B 95 -24.34 -17.86 -16.34
CA SER B 95 -23.12 -18.26 -17.05
C SER B 95 -23.33 -19.51 -17.88
N ALA B 96 -24.03 -20.50 -17.32
CA ALA B 96 -24.29 -21.74 -18.06
C ALA B 96 -25.16 -21.47 -19.28
N MET B 97 -26.24 -20.70 -19.11
CA MET B 97 -27.08 -20.34 -20.25
C MET B 97 -26.30 -19.56 -21.29
N ALA B 98 -25.33 -18.74 -20.85
CA ALA B 98 -24.55 -17.97 -21.80
C ALA B 98 -23.65 -18.87 -22.64
N VAL B 99 -22.97 -19.82 -22.00
CA VAL B 99 -22.15 -20.76 -22.78
C VAL B 99 -23.02 -21.57 -23.72
N PHE B 100 -24.22 -21.94 -23.28
CA PHE B 100 -25.10 -22.74 -24.12
C PHE B 100 -25.54 -21.95 -25.35
N PHE B 101 -25.95 -20.69 -25.16
CA PHE B 101 -26.31 -19.83 -26.29
C PHE B 101 -25.12 -19.62 -27.21
N GLY B 102 -23.91 -19.49 -26.63
CA GLY B 102 -22.73 -19.32 -27.45
C GLY B 102 -22.47 -20.50 -28.35
N LEU B 103 -22.57 -21.71 -27.79
CA LEU B 103 -22.42 -22.91 -28.60
C LEU B 103 -23.51 -22.99 -29.67
N ILE B 104 -24.74 -22.62 -29.32
CA ILE B 104 -25.82 -22.65 -30.30
C ILE B 104 -25.50 -21.75 -31.48
N VAL B 105 -25.16 -20.48 -31.21
CA VAL B 105 -24.90 -19.54 -32.29
C VAL B 105 -23.63 -19.92 -33.05
N GLY B 106 -22.66 -20.54 -32.38
CA GLY B 106 -21.47 -20.99 -33.09
C GLY B 106 -21.77 -22.09 -34.08
N ARG B 107 -22.55 -23.09 -33.65
CA ARG B 107 -22.96 -24.14 -34.59
C ARG B 107 -23.88 -23.61 -35.67
N LEU B 108 -24.67 -22.56 -35.36
CA LEU B 108 -25.57 -22.00 -36.35
C LEU B 108 -24.80 -21.25 -37.44
N PHE B 109 -23.89 -20.37 -37.03
CA PHE B 109 -23.08 -19.63 -37.99
C PHE B 109 -22.01 -20.49 -38.66
N ASN B 110 -21.76 -21.68 -38.14
CA ASN B 110 -20.69 -22.54 -38.63
C ASN B 110 -19.37 -21.77 -38.64
N VAL B 111 -19.03 -21.21 -37.47
CA VAL B 111 -17.87 -20.34 -37.37
C VAL B 111 -16.60 -21.15 -37.56
N GLY B 112 -15.69 -20.63 -38.37
CA GLY B 112 -14.45 -21.32 -38.68
C GLY B 112 -14.56 -22.34 -39.79
N ALA B 113 -15.73 -22.49 -40.41
CA ALA B 113 -15.89 -23.50 -41.44
C ALA B 113 -15.03 -23.20 -42.65
N ASN B 114 -14.91 -21.92 -43.01
CA ASN B 114 -14.19 -21.51 -44.21
C ASN B 114 -12.73 -21.16 -43.93
N VAL B 115 -12.25 -21.42 -42.71
CA VAL B 115 -10.83 -21.21 -42.44
C VAL B 115 -10.00 -22.25 -43.18
N ASN B 116 -10.45 -23.50 -43.16
CA ASN B 116 -9.84 -24.60 -43.93
C ASN B 116 -8.35 -24.74 -43.57
N LEU B 117 -8.11 -25.10 -42.31
CA LEU B 117 -6.76 -25.35 -41.82
C LEU B 117 -6.57 -26.84 -41.55
N GLY B 118 -5.30 -27.25 -41.52
CA GLY B 118 -4.93 -28.63 -41.28
C GLY B 118 -4.25 -28.75 -39.93
N SER B 119 -4.70 -29.72 -39.15
CA SER B 119 -4.15 -29.96 -37.82
C SER B 119 -4.32 -31.43 -37.47
N GLY B 120 -3.44 -31.91 -36.60
CA GLY B 120 -3.55 -33.27 -36.12
C GLY B 120 -3.92 -33.35 -34.66
N THR B 121 -3.54 -34.44 -34.00
CA THR B 121 -3.79 -34.65 -32.58
C THR B 121 -2.52 -34.52 -31.76
N GLY B 122 -1.72 -33.49 -32.05
CA GLY B 122 -0.46 -33.31 -31.37
C GLY B 122 -0.66 -32.75 -29.97
N LYS B 123 -0.57 -33.62 -28.98
CA LYS B 123 -0.98 -33.28 -27.62
C LYS B 123 0.14 -32.57 -26.88
N ALA B 124 -0.23 -32.09 -25.68
CA ALA B 124 0.67 -31.34 -24.81
C ALA B 124 0.14 -31.48 -23.40
N ILE B 125 1.05 -31.46 -22.43
CA ILE B 125 0.67 -31.61 -21.03
C ILE B 125 0.72 -30.24 -20.38
N GLU B 126 -0.24 -30.03 -19.48
CA GLU B 126 -0.37 -28.74 -18.75
C GLU B 126 -0.87 -28.97 -17.33
N ALA B 127 -0.07 -28.56 -16.35
CA ALA B 127 -0.43 -28.55 -14.91
C ALA B 127 -0.74 -27.09 -14.51
N GLN B 128 -1.02 -26.28 -15.54
CA GLN B 128 -1.27 -24.81 -15.58
C GLN B 128 -2.49 -24.35 -14.78
N PRO B 129 -3.63 -25.09 -14.70
CA PRO B 129 -4.78 -24.58 -13.96
C PRO B 129 -4.40 -24.20 -12.53
N PRO B 130 -4.74 -22.97 -12.08
CA PRO B 130 -4.28 -22.42 -10.81
C PRO B 130 -4.96 -23.22 -9.69
N SER B 131 -4.30 -23.38 -8.54
CA SER B 131 -4.97 -24.28 -7.61
C SER B 131 -6.23 -23.63 -7.05
N LEU B 132 -7.36 -24.35 -7.15
CA LEU B 132 -8.64 -23.80 -6.70
C LEU B 132 -8.61 -23.52 -5.20
N VAL B 133 -7.97 -24.41 -4.43
CA VAL B 133 -7.92 -24.25 -2.98
C VAL B 133 -7.15 -22.98 -2.63
N GLN B 134 -6.05 -22.72 -3.35
CA GLN B 134 -5.25 -21.53 -3.07
C GLN B 134 -6.01 -20.26 -3.38
N THR B 135 -6.80 -20.26 -4.47
CA THR B 135 -7.61 -19.08 -4.77
C THR B 135 -8.70 -18.87 -3.71
N LEU B 136 -9.34 -19.95 -3.28
CA LEU B 136 -10.35 -19.83 -2.22
C LEU B 136 -9.73 -19.27 -0.94
N LEU B 137 -8.52 -19.73 -0.60
CA LEU B 137 -7.83 -19.16 0.55
C LEU B 137 -7.47 -17.70 0.32
N ASN B 138 -7.09 -17.36 -0.91
CA ASN B 138 -6.72 -15.99 -1.25
C ASN B 138 -7.92 -15.05 -1.21
N ILE B 139 -9.15 -15.58 -1.22
CA ILE B 139 -10.30 -14.72 -0.96
C ILE B 139 -10.15 -14.02 0.38
N VAL B 140 -9.62 -14.74 1.38
CA VAL B 140 -9.34 -14.18 2.70
C VAL B 140 -8.00 -13.45 2.68
N PRO B 141 -7.98 -12.12 2.83
CA PRO B 141 -6.72 -11.40 2.81
C PRO B 141 -5.86 -11.70 4.04
N THR B 142 -4.56 -11.49 3.88
CA THR B 142 -3.62 -11.50 4.99
C THR B 142 -3.23 -10.10 5.43
N ASN B 143 -3.58 -9.09 4.66
CA ASN B 143 -3.39 -7.68 5.00
C ASN B 143 -4.45 -6.87 4.27
N PRO B 144 -5.39 -6.25 4.99
CA PRO B 144 -6.45 -5.50 4.30
C PRO B 144 -5.93 -4.25 3.61
N PHE B 145 -4.98 -3.55 4.22
CA PHE B 145 -4.37 -2.39 3.57
C PHE B 145 -3.68 -2.79 2.28
N ALA B 146 -2.99 -3.93 2.29
CA ALA B 146 -2.33 -4.41 1.07
C ALA B 146 -3.34 -4.76 0.00
N SER B 147 -4.42 -5.45 0.37
CA SER B 147 -5.47 -5.78 -0.60
C SER B 147 -6.10 -4.52 -1.18
N LEU B 148 -6.25 -3.49 -0.36
CA LEU B 148 -6.74 -2.20 -0.86
C LEU B 148 -5.75 -1.59 -1.85
N ALA B 149 -4.48 -1.52 -1.46
CA ALA B 149 -3.46 -0.93 -2.33
C ALA B 149 -3.29 -1.73 -3.62
N LYS B 150 -3.29 -3.06 -3.51
CA LYS B 150 -3.12 -3.91 -4.69
C LYS B 150 -4.39 -4.03 -5.51
N GLY B 151 -5.51 -3.49 -5.03
CA GLY B 151 -6.75 -3.53 -5.78
C GLY B 151 -7.39 -4.89 -5.89
N GLU B 152 -7.20 -5.76 -4.90
CA GLU B 152 -7.84 -7.07 -4.91
C GLU B 152 -9.25 -6.94 -4.34
N VAL B 153 -10.25 -7.22 -5.17
CA VAL B 153 -11.62 -6.85 -4.83
C VAL B 153 -12.26 -7.86 -3.88
N LEU B 154 -11.96 -9.14 -4.04
CA LEU B 154 -12.59 -10.17 -3.20
C LEU B 154 -12.10 -10.10 -1.75
N PRO B 155 -10.79 -9.90 -1.49
CA PRO B 155 -10.38 -9.67 -0.09
C PRO B 155 -11.02 -8.43 0.51
N VAL B 156 -11.16 -7.37 -0.28
CA VAL B 156 -11.84 -6.16 0.20
C VAL B 156 -13.30 -6.47 0.54
N ILE B 157 -13.96 -7.27 -0.30
CA ILE B 157 -15.34 -7.67 -0.03
C ILE B 157 -15.43 -8.40 1.30
N PHE B 158 -14.55 -9.39 1.49
CA PHE B 158 -14.56 -10.17 2.72
C PHE B 158 -14.36 -9.28 3.95
N PHE B 159 -13.32 -8.45 3.91
CA PHE B 159 -13.01 -7.60 5.04
C PHE B 159 -14.14 -6.61 5.33
N ALA B 160 -14.72 -6.03 4.27
CA ALA B 160 -15.78 -5.05 4.47
C ALA B 160 -17.04 -5.68 5.04
N ILE B 161 -17.40 -6.87 4.55
CA ILE B 161 -18.57 -7.57 5.09
C ILE B 161 -18.37 -7.88 6.57
N ILE B 162 -17.18 -8.42 6.90
CA ILE B 162 -16.91 -8.76 8.30
C ILE B 162 -16.93 -7.52 9.18
N LEU B 163 -16.38 -6.41 8.67
CA LEU B 163 -16.34 -5.17 9.45
C LEU B 163 -17.73 -4.60 9.66
N GLY B 164 -18.58 -4.64 8.63
CA GLY B 164 -19.95 -4.17 8.78
C GLY B 164 -20.74 -4.99 9.78
N ILE B 165 -20.61 -6.32 9.71
CA ILE B 165 -21.28 -7.18 10.68
C ILE B 165 -20.80 -6.88 12.09
N ALA B 166 -19.48 -6.68 12.25
CA ALA B 166 -18.93 -6.36 13.57
C ALA B 166 -19.47 -5.02 14.08
N ILE B 167 -19.58 -4.03 13.20
CA ILE B 167 -20.08 -2.72 13.61
C ILE B 167 -21.54 -2.82 14.04
N THR B 168 -22.34 -3.61 13.30
CA THR B 168 -23.73 -3.77 13.68
C THR B 168 -23.86 -4.47 15.02
N TYR B 169 -23.05 -5.50 15.26
CA TYR B 169 -23.07 -6.18 16.55
C TYR B 169 -22.56 -5.28 17.66
N LEU B 170 -21.71 -4.30 17.33
CA LEU B 170 -21.15 -3.40 18.34
C LEU B 170 -22.14 -2.33 18.79
N MET B 171 -22.98 -1.84 17.88
CA MET B 171 -23.94 -0.78 18.20
C MET B 171 -25.05 -1.24 19.13
N ASN B 172 -25.13 -2.52 19.48
CA ASN B 172 -26.19 -3.03 20.34
C ASN B 172 -25.63 -3.45 21.69
N ARG B 173 -24.78 -2.63 22.29
CA ARG B 173 -24.14 -2.92 23.56
C ARG B 173 -24.74 -2.06 24.68
N ASN B 174 -24.75 -2.62 25.89
CA ASN B 174 -25.25 -1.86 27.04
C ASN B 174 -24.36 -0.66 27.32
N GLU B 175 -23.06 -0.76 27.04
CA GLU B 175 -22.16 0.37 27.19
C GLU B 175 -22.48 1.45 26.16
N GLU B 176 -22.07 2.67 26.48
CA GLU B 176 -22.33 3.83 25.65
C GLU B 176 -21.13 4.23 24.80
N ARG B 177 -19.92 4.08 25.34
CA ARG B 177 -18.71 4.37 24.57
C ARG B 177 -18.61 3.44 23.36
N VAL B 178 -18.95 2.17 23.53
CA VAL B 178 -18.87 1.22 22.43
C VAL B 178 -19.84 1.60 21.32
N ARG B 179 -21.08 1.93 21.70
CA ARG B 179 -22.07 2.33 20.70
C ARG B 179 -21.67 3.62 19.99
N LYS B 180 -21.17 4.59 20.76
CA LYS B 180 -20.78 5.86 20.15
C LYS B 180 -19.63 5.67 19.18
N SER B 181 -18.63 4.87 19.56
CA SER B 181 -17.49 4.64 18.67
C SER B 181 -17.91 3.89 17.41
N ALA B 182 -18.71 2.84 17.56
CA ALA B 182 -19.15 2.08 16.39
C ALA B 182 -20.01 2.94 15.47
N GLU B 183 -20.90 3.76 16.03
CA GLU B 183 -21.74 4.62 15.21
C GLU B 183 -20.92 5.70 14.53
N THR B 184 -19.88 6.22 15.20
CA THR B 184 -18.98 7.18 14.57
C THR B 184 -18.28 6.56 13.37
N LEU B 185 -17.77 5.33 13.55
CA LEU B 185 -17.09 4.64 12.45
C LEU B 185 -18.06 4.43 11.27
N LEU B 186 -19.28 3.98 11.57
CA LEU B 186 -20.26 3.77 10.52
C LEU B 186 -20.61 5.09 9.82
N ARG B 187 -20.67 6.19 10.57
CA ARG B 187 -20.94 7.48 9.95
C ARG B 187 -19.80 7.90 9.02
N VAL B 188 -18.55 7.64 9.43
CA VAL B 188 -17.42 7.94 8.58
C VAL B 188 -17.52 7.16 7.27
N PHE B 189 -17.79 5.85 7.37
CA PHE B 189 -17.89 5.04 6.17
C PHE B 189 -19.06 5.48 5.29
N ASP B 190 -20.18 5.85 5.91
CA ASP B 190 -21.35 6.32 5.15
C ASP B 190 -21.05 7.61 4.41
N GLY B 191 -20.38 8.55 5.07
CA GLY B 191 -19.99 9.79 4.40
C GLY B 191 -19.04 9.53 3.25
N LEU B 192 -18.08 8.61 3.45
CA LEU B 192 -17.17 8.27 2.35
C LEU B 192 -17.93 7.69 1.17
N ALA B 193 -18.88 6.78 1.43
CA ALA B 193 -19.65 6.19 0.34
C ALA B 193 -20.48 7.23 -0.40
N GLU B 194 -21.14 8.11 0.35
CA GLU B 194 -21.97 9.14 -0.29
C GLU B 194 -21.11 10.08 -1.13
N ALA B 195 -19.93 10.45 -0.63
CA ALA B 195 -19.01 11.25 -1.41
C ALA B 195 -18.58 10.53 -2.68
N MET B 196 -18.33 9.22 -2.58
CA MET B 196 -17.96 8.45 -3.76
C MET B 196 -19.06 8.47 -4.81
N TYR B 197 -20.32 8.30 -4.38
CA TYR B 197 -21.41 8.33 -5.35
C TYR B 197 -21.57 9.71 -5.97
N LEU B 198 -21.39 10.77 -5.17
CA LEU B 198 -21.44 12.11 -5.72
C LEU B 198 -20.34 12.33 -6.76
N ILE B 199 -19.14 11.83 -6.49
CA ILE B 199 -18.04 11.99 -7.45
C ILE B 199 -18.30 11.17 -8.71
N VAL B 200 -18.92 10.00 -8.57
CA VAL B 200 -19.30 9.22 -9.75
C VAL B 200 -20.29 10.01 -10.60
N GLY B 201 -21.31 10.59 -9.97
CA GLY B 201 -22.24 11.45 -10.69
C GLY B 201 -21.55 12.60 -11.39
N GLY B 202 -20.55 13.20 -10.73
CA GLY B 202 -19.80 14.28 -11.35
C GLY B 202 -19.01 13.82 -12.57
N VAL B 203 -18.32 12.68 -12.44
CA VAL B 203 -17.53 12.14 -13.54
C VAL B 203 -18.42 11.76 -14.72
N MET B 204 -19.67 11.39 -14.44
CA MET B 204 -20.60 11.03 -15.52
C MET B 204 -20.82 12.16 -16.52
N GLN B 205 -20.43 13.40 -16.18
CA GLN B 205 -20.53 14.50 -17.14
C GLN B 205 -19.44 14.43 -18.20
N TYR B 206 -18.24 13.97 -17.83
CA TYR B 206 -17.18 13.76 -18.80
C TYR B 206 -17.36 12.46 -19.58
N ALA B 207 -18.22 11.56 -19.10
CA ALA B 207 -18.43 10.27 -19.76
C ALA B 207 -18.70 10.34 -21.25
N PRO B 208 -19.46 11.31 -21.79
CA PRO B 208 -19.64 11.33 -23.26
C PRO B 208 -18.33 11.44 -24.03
N ILE B 209 -17.44 12.33 -23.61
CA ILE B 209 -16.14 12.48 -24.30
C ILE B 209 -15.34 11.19 -24.21
N GLY B 210 -15.33 10.56 -23.03
CA GLY B 210 -14.61 9.31 -22.87
C GLY B 210 -15.16 8.21 -23.75
N VAL B 211 -16.49 8.08 -23.81
CA VAL B 211 -17.12 7.07 -24.65
C VAL B 211 -16.78 7.32 -26.11
N PHE B 212 -16.89 8.58 -26.55
CA PHE B 212 -16.53 8.96 -27.91
C PHE B 212 -15.11 8.51 -28.23
N ALA B 213 -14.15 8.90 -27.39
CA ALA B 213 -12.74 8.61 -27.66
C ALA B 213 -12.46 7.12 -27.66
N LEU B 214 -13.02 6.39 -26.69
CA LEU B 214 -12.74 4.96 -26.59
C LEU B 214 -13.32 4.20 -27.77
N ILE B 215 -14.60 4.43 -28.10
CA ILE B 215 -15.18 3.72 -29.22
C ILE B 215 -14.50 4.13 -30.53
N ALA B 216 -14.06 5.38 -30.63
CA ALA B 216 -13.35 5.82 -31.83
C ALA B 216 -12.02 5.09 -31.97
N TYR B 217 -11.27 4.96 -30.88
CA TYR B 217 -10.00 4.25 -30.94
C TYR B 217 -10.20 2.79 -31.29
N VAL B 218 -11.19 2.14 -30.66
CA VAL B 218 -11.41 0.72 -30.91
C VAL B 218 -11.83 0.49 -32.36
N MET B 219 -12.74 1.32 -32.87
CA MET B 219 -13.20 1.15 -34.24
C MET B 219 -12.10 1.46 -35.24
N ALA B 220 -11.28 2.48 -34.96
CA ALA B 220 -10.19 2.83 -35.86
C ALA B 220 -9.15 1.71 -35.91
N GLU B 221 -8.81 1.13 -34.75
CA GLU B 221 -7.77 0.10 -34.72
C GLU B 221 -8.27 -1.21 -35.32
N GLN B 222 -9.34 -1.78 -34.76
CA GLN B 222 -9.77 -3.12 -35.15
C GLN B 222 -11.00 -3.12 -36.04
N GLY B 223 -11.30 -2.00 -36.70
CA GLY B 223 -12.43 -1.95 -37.63
C GLY B 223 -12.14 -2.63 -38.96
N VAL B 224 -10.91 -2.48 -39.45
CA VAL B 224 -10.55 -3.09 -40.72
C VAL B 224 -10.42 -4.61 -40.61
N ARG B 225 -10.19 -5.14 -39.40
CA ARG B 225 -9.91 -6.57 -39.24
C ARG B 225 -11.15 -7.44 -39.22
N VAL B 226 -12.35 -6.86 -39.23
CA VAL B 226 -13.59 -7.66 -39.12
C VAL B 226 -14.04 -7.94 -40.55
N VAL B 227 -13.35 -8.89 -41.18
CA VAL B 227 -13.69 -9.36 -42.53
C VAL B 227 -13.59 -10.88 -42.56
N GLY B 228 -14.37 -11.49 -43.45
CA GLY B 228 -14.31 -12.92 -43.67
C GLY B 228 -14.78 -13.73 -42.48
N PRO B 229 -14.01 -14.76 -42.11
CA PRO B 229 -14.42 -15.59 -40.98
C PRO B 229 -14.42 -14.84 -39.67
N LEU B 230 -13.53 -13.86 -39.50
CA LEU B 230 -13.58 -13.02 -38.30
C LEU B 230 -14.85 -12.20 -38.26
N ALA B 231 -15.31 -11.72 -39.43
CA ALA B 231 -16.59 -11.01 -39.48
C ALA B 231 -17.75 -11.94 -39.16
N LYS B 232 -17.68 -13.18 -39.65
CA LYS B 232 -18.71 -14.16 -39.31
C LYS B 232 -18.74 -14.42 -37.81
N VAL B 233 -17.56 -14.49 -37.19
CA VAL B 233 -17.46 -14.69 -35.75
C VAL B 233 -18.03 -13.48 -35.00
N VAL B 234 -17.71 -12.28 -35.46
CA VAL B 234 -18.25 -11.07 -34.82
C VAL B 234 -19.77 -11.09 -34.87
N GLY B 235 -20.33 -11.36 -36.04
CA GLY B 235 -21.78 -11.47 -36.15
C GLY B 235 -22.35 -12.52 -35.22
N ALA B 236 -21.69 -13.68 -35.14
CA ALA B 236 -22.17 -14.75 -34.28
C ALA B 236 -22.15 -14.34 -32.82
N VAL B 237 -21.05 -13.74 -32.37
CA VAL B 237 -20.93 -13.39 -30.95
C VAL B 237 -21.91 -12.29 -30.59
N TYR B 238 -22.15 -11.34 -31.50
CA TYR B 238 -23.10 -10.28 -31.17
C TYR B 238 -24.53 -10.80 -31.18
N THR B 239 -24.86 -11.70 -32.13
CA THR B 239 -26.16 -12.34 -32.10
C THR B 239 -26.35 -13.14 -30.81
N GLY B 240 -25.30 -13.83 -30.36
CA GLY B 240 -25.39 -14.60 -29.13
C GLY B 240 -25.55 -13.73 -27.90
N LEU B 241 -24.84 -12.60 -27.85
CA LEU B 241 -25.00 -11.69 -26.71
C LEU B 241 -26.38 -11.06 -26.70
N PHE B 242 -26.88 -10.64 -27.88
CA PHE B 242 -28.25 -10.14 -27.96
C PHE B 242 -29.25 -11.20 -27.53
N LEU B 243 -29.02 -12.46 -27.92
CA LEU B 243 -29.90 -13.54 -27.51
C LEU B 243 -29.88 -13.74 -26.01
N GLN B 244 -28.68 -13.79 -25.43
CA GLN B 244 -28.57 -13.90 -23.97
C GLN B 244 -29.35 -12.80 -23.28
N ILE B 245 -29.10 -11.55 -23.68
CA ILE B 245 -29.80 -10.42 -23.08
C ILE B 245 -31.30 -10.61 -23.19
N VAL B 246 -31.82 -10.66 -24.42
CA VAL B 246 -33.27 -10.65 -24.61
C VAL B 246 -33.89 -11.88 -23.95
N ILE B 247 -33.52 -13.07 -24.41
CA ILE B 247 -34.19 -14.28 -23.94
C ILE B 247 -33.93 -14.44 -22.45
N THR B 248 -32.68 -14.66 -22.05
CA THR B 248 -32.39 -14.99 -20.66
C THR B 248 -32.86 -13.87 -19.73
N TYR B 249 -32.34 -12.66 -19.92
CA TYR B 249 -32.56 -11.61 -18.94
C TYR B 249 -34.02 -11.17 -18.93
N PHE B 250 -34.63 -10.97 -20.11
CA PHE B 250 -36.02 -10.53 -20.14
C PHE B 250 -36.95 -11.59 -19.57
N ILE B 251 -36.71 -12.87 -19.86
CA ILE B 251 -37.56 -13.92 -19.30
C ILE B 251 -37.41 -13.97 -17.78
N LEU B 252 -36.16 -13.89 -17.29
CA LEU B 252 -35.93 -13.90 -15.85
C LEU B 252 -36.58 -12.70 -15.17
N LEU B 253 -36.56 -11.53 -15.83
CA LEU B 253 -37.14 -10.33 -15.23
C LEU B 253 -38.66 -10.39 -15.23
N LYS B 254 -39.26 -10.80 -16.35
CA LYS B 254 -40.72 -10.85 -16.41
C LYS B 254 -41.29 -11.96 -15.53
N VAL B 255 -40.54 -13.05 -15.36
CA VAL B 255 -40.98 -14.11 -14.46
C VAL B 255 -41.11 -13.57 -13.03
N PHE B 256 -40.19 -12.70 -12.62
CA PHE B 256 -40.26 -12.08 -11.31
C PHE B 256 -41.09 -10.81 -11.30
N GLY B 257 -41.84 -10.53 -12.36
CA GLY B 257 -42.82 -9.45 -12.35
C GLY B 257 -42.26 -8.04 -12.39
N ILE B 258 -41.10 -7.84 -13.02
CA ILE B 258 -40.52 -6.51 -13.19
C ILE B 258 -40.48 -6.20 -14.68
N ASP B 259 -40.75 -4.94 -15.02
CA ASP B 259 -40.75 -4.53 -16.42
C ASP B 259 -39.32 -4.47 -16.97
N PRO B 260 -38.99 -5.30 -17.96
CA PRO B 260 -37.58 -5.34 -18.43
C PRO B 260 -37.18 -4.10 -19.22
N ILE B 261 -38.11 -3.47 -19.94
CA ILE B 261 -37.77 -2.30 -20.72
C ILE B 261 -37.33 -1.15 -19.81
N LYS B 262 -38.00 -0.99 -18.67
CA LYS B 262 -37.56 -0.01 -17.68
C LYS B 262 -36.19 -0.41 -17.11
N PHE B 263 -35.97 -1.70 -16.88
CA PHE B 263 -34.67 -2.17 -16.44
C PHE B 263 -33.58 -1.73 -17.41
N ILE B 264 -33.85 -1.85 -18.71
CA ILE B 264 -32.87 -1.43 -19.71
C ILE B 264 -32.70 0.09 -19.68
N ARG B 265 -33.82 0.83 -19.60
CA ARG B 265 -33.73 2.29 -19.56
C ARG B 265 -32.93 2.77 -18.36
N LYS B 266 -32.91 1.99 -17.27
CA LYS B 266 -32.10 2.36 -16.12
C LYS B 266 -30.65 1.91 -16.26
N ALA B 267 -30.44 0.67 -16.70
CA ALA B 267 -29.10 0.12 -16.82
C ALA B 267 -28.29 0.68 -17.98
N LYS B 268 -28.92 1.41 -18.90
CA LYS B 268 -28.23 1.88 -20.10
C LYS B 268 -26.92 2.59 -19.80
N ASP B 269 -26.85 3.33 -18.69
CA ASP B 269 -25.63 4.06 -18.35
C ASP B 269 -24.47 3.10 -18.11
N ALA B 270 -24.66 2.16 -17.19
CA ALA B 270 -23.63 1.15 -16.93
C ALA B 270 -23.36 0.29 -18.16
N MET B 271 -24.39 0.03 -18.97
CA MET B 271 -24.21 -0.74 -20.19
C MET B 271 -23.24 -0.04 -21.14
N ILE B 272 -23.50 1.24 -21.42
CA ILE B 272 -22.65 2.00 -22.33
C ILE B 272 -21.23 2.11 -21.76
N THR B 273 -21.13 2.38 -20.45
CA THR B 273 -19.82 2.53 -19.83
C THR B 273 -19.00 1.24 -19.92
N ALA B 274 -19.60 0.12 -19.53
CA ALA B 274 -18.92 -1.17 -19.63
C ALA B 274 -18.55 -1.50 -21.07
N PHE B 275 -19.46 -1.23 -22.00
CA PHE B 275 -19.20 -1.51 -23.41
C PHE B 275 -17.98 -0.73 -23.90
N VAL B 276 -17.92 0.57 -23.57
CA VAL B 276 -16.87 1.40 -24.15
C VAL B 276 -15.54 1.23 -23.42
N THR B 277 -15.55 0.89 -22.13
CA THR B 277 -14.30 0.73 -21.39
C THR B 277 -13.78 -0.69 -21.38
N ARG B 278 -14.61 -1.68 -21.70
CA ARG B 278 -14.25 -3.10 -21.71
C ARG B 278 -13.76 -3.59 -20.36
N SER B 279 -14.03 -2.85 -19.28
CA SER B 279 -13.63 -3.23 -17.94
C SER B 279 -14.87 -3.37 -17.08
N SER B 280 -15.12 -4.59 -16.60
CA SER B 280 -16.30 -4.83 -15.76
C SER B 280 -16.14 -4.17 -14.39
N SER B 281 -15.07 -4.53 -13.67
CA SER B 281 -14.83 -3.95 -12.36
C SER B 281 -14.49 -2.46 -12.42
N GLY B 282 -14.00 -1.97 -13.56
CA GLY B 282 -13.70 -0.55 -13.67
C GLY B 282 -14.93 0.33 -13.80
N THR B 283 -16.03 -0.21 -14.31
CA THR B 283 -17.29 0.52 -14.39
C THR B 283 -18.13 0.38 -13.13
N LEU B 284 -17.76 -0.54 -12.23
CA LEU B 284 -18.46 -0.85 -10.99
C LEU B 284 -19.03 0.38 -10.27
N PRO B 285 -18.30 1.50 -10.16
CA PRO B 285 -18.94 2.68 -9.55
C PRO B 285 -20.19 3.16 -10.27
N VAL B 286 -20.14 3.23 -11.61
CA VAL B 286 -21.32 3.65 -12.36
C VAL B 286 -22.45 2.64 -12.19
N THR B 287 -22.12 1.35 -12.19
CA THR B 287 -23.15 0.32 -12.00
C THR B 287 -23.79 0.42 -10.62
N MET B 288 -22.98 0.70 -9.59
CA MET B 288 -23.48 0.83 -8.23
C MET B 288 -24.37 2.07 -8.11
N ARG B 289 -23.96 3.18 -8.74
CA ARG B 289 -24.80 4.38 -8.73
C ARG B 289 -26.12 4.15 -9.45
N VAL B 290 -26.08 3.43 -10.57
CA VAL B 290 -27.31 3.10 -11.28
C VAL B 290 -28.21 2.25 -10.41
N ALA B 291 -27.62 1.32 -9.66
CA ALA B 291 -28.40 0.51 -8.74
C ALA B 291 -29.06 1.37 -7.66
N GLU B 292 -28.31 2.32 -7.09
CA GLU B 292 -28.85 3.11 -5.99
C GLU B 292 -29.83 4.19 -6.47
N GLU B 293 -29.39 5.08 -7.35
CA GLU B 293 -30.12 6.32 -7.63
C GLU B 293 -31.00 6.24 -8.87
N GLU B 294 -31.20 5.06 -9.45
CA GLU B 294 -32.18 4.93 -10.53
C GLU B 294 -33.06 3.70 -10.35
N MET B 295 -32.45 2.53 -10.20
CA MET B 295 -33.24 1.32 -10.01
C MET B 295 -33.87 1.27 -8.62
N GLY B 296 -33.21 1.83 -7.62
CA GLY B 296 -33.75 1.81 -6.27
C GLY B 296 -33.43 0.57 -5.48
N VAL B 297 -32.26 -0.01 -5.67
CA VAL B 297 -31.87 -1.20 -4.93
C VAL B 297 -31.27 -0.78 -3.59
N ASP B 298 -31.52 -1.58 -2.55
CA ASP B 298 -30.98 -1.26 -1.24
C ASP B 298 -29.49 -1.51 -1.21
N LYS B 299 -28.79 -0.71 -0.40
CA LYS B 299 -27.33 -0.81 -0.33
C LYS B 299 -26.88 -2.20 0.09
N GLY B 300 -27.54 -2.78 1.09
CA GLY B 300 -27.20 -4.11 1.58
C GLY B 300 -27.29 -5.20 0.53
N ILE B 301 -27.91 -4.93 -0.61
CA ILE B 301 -28.01 -5.90 -1.70
C ILE B 301 -26.88 -5.65 -2.69
N PHE B 302 -26.91 -4.51 -3.36
CA PHE B 302 -26.01 -4.30 -4.48
C PHE B 302 -24.57 -4.08 -4.02
N SER B 303 -24.38 -3.40 -2.88
CA SER B 303 -23.03 -3.16 -2.37
C SER B 303 -22.26 -4.45 -2.16
N PHE B 304 -22.94 -5.60 -2.11
CA PHE B 304 -22.31 -6.90 -2.05
C PHE B 304 -22.40 -7.66 -3.36
N THR B 305 -23.55 -7.64 -4.04
CA THR B 305 -23.73 -8.47 -5.22
C THR B 305 -23.01 -7.92 -6.44
N LEU B 306 -22.90 -6.60 -6.57
CA LEU B 306 -22.34 -5.98 -7.77
C LEU B 306 -20.82 -6.16 -7.87
N PRO B 307 -20.04 -5.98 -6.80
CA PRO B 307 -18.62 -6.29 -6.91
C PRO B 307 -18.36 -7.78 -7.10
N LEU B 308 -19.03 -8.63 -6.33
CA LEU B 308 -18.91 -10.07 -6.54
C LEU B 308 -19.37 -10.46 -7.93
N GLY B 309 -20.40 -9.79 -8.46
CA GLY B 309 -20.84 -10.09 -9.81
C GLY B 309 -19.84 -9.67 -10.87
N ALA B 310 -19.25 -8.48 -10.71
CA ALA B 310 -18.21 -8.04 -11.63
C ALA B 310 -16.99 -8.94 -11.57
N THR B 311 -16.77 -9.59 -10.42
CA THR B 311 -15.59 -10.45 -10.29
C THR B 311 -15.83 -11.85 -10.84
N ILE B 312 -16.93 -12.49 -10.47
CA ILE B 312 -17.11 -13.92 -10.70
C ILE B 312 -18.28 -14.24 -11.62
N ASN B 313 -18.97 -13.23 -12.16
CA ASN B 313 -20.09 -13.46 -13.07
C ASN B 313 -19.80 -12.74 -14.39
N MET B 314 -19.42 -13.52 -15.41
CA MET B 314 -19.15 -13.00 -16.76
C MET B 314 -19.87 -13.87 -17.78
N ASP B 315 -21.15 -13.57 -18.00
CA ASP B 315 -21.91 -14.29 -19.02
C ASP B 315 -21.39 -13.98 -20.42
N GLY B 316 -21.02 -12.72 -20.67
CA GLY B 316 -20.51 -12.36 -21.99
C GLY B 316 -19.26 -13.13 -22.37
N THR B 317 -18.29 -13.21 -21.45
CA THR B 317 -17.08 -13.96 -21.72
C THR B 317 -17.36 -15.44 -21.84
N ALA B 318 -18.34 -15.94 -21.07
CA ALA B 318 -18.75 -17.33 -21.19
C ALA B 318 -19.25 -17.63 -22.60
N LEU B 319 -20.12 -16.77 -23.13
CA LEU B 319 -20.61 -16.95 -24.50
C LEU B 319 -19.47 -16.79 -25.50
N TYR B 320 -18.56 -15.85 -25.24
CA TYR B 320 -17.40 -15.66 -26.10
C TYR B 320 -16.57 -16.93 -26.19
N GLN B 321 -16.31 -17.58 -25.06
CA GLN B 321 -15.55 -18.82 -25.08
C GLN B 321 -16.34 -19.93 -25.78
N GLY B 322 -17.64 -20.02 -25.51
CA GLY B 322 -18.46 -21.02 -26.17
C GLY B 322 -18.45 -20.90 -27.68
N VAL B 323 -18.41 -19.67 -28.20
CA VAL B 323 -18.38 -19.50 -29.65
C VAL B 323 -16.97 -19.72 -30.18
N THR B 324 -15.95 -19.20 -29.49
CA THR B 324 -14.59 -19.28 -30.02
C THR B 324 -14.06 -20.71 -30.02
N VAL B 325 -14.49 -21.55 -29.07
CA VAL B 325 -14.04 -22.94 -29.09
C VAL B 325 -14.58 -23.66 -30.33
N LEU B 326 -15.87 -23.45 -30.65
CA LEU B 326 -16.42 -24.00 -31.89
C LEU B 326 -15.73 -23.42 -33.11
N PHE B 327 -15.40 -22.12 -33.06
CA PHE B 327 -14.68 -21.51 -34.18
C PHE B 327 -13.34 -22.20 -34.42
N VAL B 328 -12.56 -22.38 -33.36
CA VAL B 328 -11.26 -23.04 -33.52
C VAL B 328 -11.45 -24.49 -33.97
N ALA B 329 -12.46 -25.17 -33.43
CA ALA B 329 -12.72 -26.55 -33.80
C ALA B 329 -13.02 -26.69 -35.28
N ASN B 330 -13.91 -25.84 -35.81
CA ASN B 330 -14.23 -25.90 -37.23
C ASN B 330 -13.12 -25.33 -38.10
N ALA B 331 -12.29 -24.44 -37.55
CA ALA B 331 -11.19 -23.87 -38.31
C ALA B 331 -10.18 -24.94 -38.67
N ILE B 332 -9.71 -25.69 -37.67
CA ILE B 332 -8.79 -26.80 -37.93
C ILE B 332 -9.51 -28.01 -38.51
N GLY B 333 -10.84 -27.97 -38.58
CA GLY B 333 -11.59 -29.06 -39.17
C GLY B 333 -11.98 -30.16 -38.22
N HIS B 334 -12.11 -29.88 -36.93
CA HIS B 334 -12.52 -30.87 -35.94
C HIS B 334 -13.71 -30.33 -35.14
N PRO B 335 -14.90 -30.34 -35.73
CA PRO B 335 -16.07 -29.80 -35.01
C PRO B 335 -16.35 -30.57 -33.73
N LEU B 336 -16.84 -29.84 -32.73
CA LEU B 336 -17.12 -30.43 -31.44
C LEU B 336 -18.40 -31.25 -31.50
N THR B 337 -18.35 -32.45 -30.92
CA THR B 337 -19.54 -33.28 -30.78
C THR B 337 -20.46 -32.71 -29.70
N LEU B 338 -21.62 -33.34 -29.54
CA LEU B 338 -22.58 -32.87 -28.54
C LEU B 338 -22.02 -33.03 -27.14
N GLY B 339 -21.46 -34.21 -26.84
CA GLY B 339 -20.79 -34.40 -25.56
C GLY B 339 -19.64 -33.44 -25.37
N GLN B 340 -18.91 -33.15 -26.45
CA GLN B 340 -17.82 -32.19 -26.37
C GLN B 340 -18.33 -30.79 -26.05
N GLN B 341 -19.47 -30.41 -26.62
CA GLN B 341 -20.05 -29.10 -26.31
C GLN B 341 -20.56 -29.04 -24.87
N LEU B 342 -21.09 -30.16 -24.37
CA LEU B 342 -21.49 -30.22 -22.96
C LEU B 342 -20.27 -30.05 -22.06
N VAL B 343 -19.17 -30.73 -22.40
CA VAL B 343 -17.92 -30.55 -21.67
C VAL B 343 -17.45 -29.10 -21.75
N VAL B 344 -17.66 -28.47 -22.90
CA VAL B 344 -17.29 -27.06 -23.07
C VAL B 344 -18.06 -26.19 -22.07
N VAL B 345 -19.38 -26.39 -21.99
CA VAL B 345 -20.19 -25.60 -21.06
C VAL B 345 -19.71 -25.82 -19.63
N LEU B 346 -19.50 -27.09 -19.27
CA LEU B 346 -19.12 -27.43 -17.90
C LEU B 346 -17.77 -26.81 -17.55
N THR B 347 -16.78 -26.95 -18.43
CA THR B 347 -15.46 -26.41 -18.15
C THR B 347 -15.48 -24.88 -18.19
N ALA B 348 -16.39 -24.27 -18.95
CA ALA B 348 -16.47 -22.81 -18.97
C ALA B 348 -16.98 -22.27 -17.64
N VAL B 349 -18.05 -22.88 -17.11
CA VAL B 349 -18.52 -22.45 -15.79
C VAL B 349 -17.47 -22.77 -14.72
N LEU B 350 -16.83 -23.94 -14.81
CA LEU B 350 -15.82 -24.30 -13.82
C LEU B 350 -14.58 -23.40 -13.91
N ALA B 351 -14.33 -22.80 -15.07
CA ALA B 351 -13.22 -21.88 -15.20
C ALA B 351 -13.60 -20.49 -14.72
N SER B 352 -14.84 -20.07 -14.95
CA SER B 352 -15.31 -18.82 -14.36
C SER B 352 -15.32 -18.88 -12.84
N ILE B 353 -15.56 -20.06 -12.26
CA ILE B 353 -15.54 -20.16 -10.81
C ILE B 353 -14.11 -20.36 -10.28
N GLY B 354 -13.31 -21.21 -10.94
CA GLY B 354 -11.99 -21.54 -10.45
C GLY B 354 -10.94 -20.46 -10.68
N THR B 355 -11.20 -19.52 -11.58
CA THR B 355 -10.31 -18.40 -11.80
C THR B 355 -10.95 -17.13 -11.22
N ALA B 356 -11.23 -17.15 -9.93
CA ALA B 356 -11.87 -16.04 -9.24
C ALA B 356 -10.78 -15.12 -8.69
N GLY B 357 -10.65 -13.94 -9.30
CA GLY B 357 -9.64 -12.98 -8.90
C GLY B 357 -8.25 -13.25 -9.41
N VAL B 358 -8.01 -14.38 -10.08
CA VAL B 358 -6.72 -14.67 -10.67
C VAL B 358 -6.48 -13.65 -11.78
N PRO B 359 -5.39 -12.87 -11.72
CA PRO B 359 -5.18 -11.83 -12.72
C PRO B 359 -4.92 -12.40 -14.10
N GLY B 360 -5.45 -11.73 -15.11
CA GLY B 360 -5.29 -12.16 -16.49
C GLY B 360 -5.81 -13.56 -16.72
N ALA B 361 -7.03 -13.84 -16.29
CA ALA B 361 -7.59 -15.18 -16.35
C ALA B 361 -8.35 -15.46 -17.65
N GLY B 362 -8.60 -14.44 -18.48
CA GLY B 362 -9.33 -14.68 -19.71
C GLY B 362 -8.60 -15.62 -20.65
N ALA B 363 -7.31 -15.37 -20.86
CA ALA B 363 -6.49 -16.31 -21.64
C ALA B 363 -6.35 -17.65 -20.92
N ILE B 364 -6.20 -17.62 -19.59
CA ILE B 364 -6.14 -18.87 -18.83
C ILE B 364 -7.44 -19.64 -18.96
N MET B 365 -8.57 -18.95 -18.83
CA MET B 365 -9.88 -19.62 -18.96
C MET B 365 -10.05 -20.22 -20.35
N LEU B 366 -9.71 -19.46 -21.39
CA LEU B 366 -9.87 -19.96 -22.75
C LEU B 366 -8.95 -21.14 -23.02
N ALA B 367 -7.70 -21.06 -22.56
CA ALA B 367 -6.78 -22.20 -22.69
C ALA B 367 -7.33 -23.43 -21.98
N MET B 368 -7.90 -23.25 -20.79
CA MET B 368 -8.45 -24.40 -20.08
C MET B 368 -9.66 -24.98 -20.81
N VAL B 369 -10.50 -24.12 -21.38
CA VAL B 369 -11.67 -24.60 -22.11
C VAL B 369 -11.23 -25.39 -23.34
N LEU B 370 -10.22 -24.89 -24.06
CA LEU B 370 -9.69 -25.64 -25.20
C LEU B 370 -9.05 -26.95 -24.77
N GLN B 371 -8.39 -26.92 -23.62
CA GLN B 371 -7.73 -28.15 -23.13
C GLN B 371 -8.79 -29.19 -22.81
N SER B 372 -9.91 -28.77 -22.24
CA SER B 372 -10.95 -29.69 -21.80
C SER B 372 -11.49 -30.55 -22.94
N VAL B 373 -11.37 -30.09 -24.18
CA VAL B 373 -11.80 -30.87 -25.34
C VAL B 373 -10.64 -31.41 -26.14
N GLY B 374 -9.40 -31.09 -25.77
CA GLY B 374 -8.22 -31.61 -26.43
C GLY B 374 -7.48 -30.59 -27.26
N LEU B 375 -8.07 -29.43 -27.53
CA LEU B 375 -7.41 -28.39 -28.31
C LEU B 375 -6.30 -27.75 -27.51
N ASP B 376 -5.09 -28.30 -27.58
CA ASP B 376 -4.00 -27.87 -26.72
C ASP B 376 -3.24 -26.73 -27.38
N LEU B 377 -3.11 -25.63 -26.65
CA LEU B 377 -2.60 -24.37 -27.20
C LEU B 377 -1.07 -24.40 -27.19
N THR B 378 -0.51 -25.25 -28.04
CA THR B 378 0.94 -25.31 -28.21
C THR B 378 1.38 -24.23 -29.20
N PRO B 379 2.50 -23.55 -28.94
CA PRO B 379 2.97 -22.52 -29.87
C PRO B 379 3.31 -23.11 -31.23
N GLY B 380 3.02 -22.34 -32.28
CA GLY B 380 3.22 -22.77 -33.65
C GLY B 380 2.14 -23.70 -34.18
N SER B 381 1.36 -24.34 -33.31
CA SER B 381 0.31 -25.23 -33.74
C SER B 381 -0.81 -24.46 -34.44
N PRO B 382 -1.61 -25.14 -35.27
CA PRO B 382 -2.73 -24.45 -35.93
C PRO B 382 -3.75 -23.87 -34.96
N VAL B 383 -3.98 -24.51 -33.82
CA VAL B 383 -4.92 -23.97 -32.84
C VAL B 383 -4.40 -22.63 -32.32
N ALA B 384 -3.08 -22.50 -32.16
CA ALA B 384 -2.51 -21.21 -31.79
C ALA B 384 -2.75 -20.18 -32.89
N LEU B 385 -2.73 -20.62 -34.15
CA LEU B 385 -3.02 -19.71 -35.26
C LEU B 385 -4.45 -19.19 -35.17
N ALA B 386 -5.40 -20.09 -34.93
CA ALA B 386 -6.80 -19.66 -34.80
C ALA B 386 -6.99 -18.77 -33.58
N TYR B 387 -6.29 -19.07 -32.48
CA TYR B 387 -6.42 -18.26 -31.28
C TYR B 387 -5.87 -16.85 -31.50
N ALA B 388 -4.75 -16.73 -32.22
CA ALA B 388 -4.24 -15.40 -32.56
C ALA B 388 -5.17 -14.69 -33.54
N MET B 389 -5.78 -15.44 -34.46
CA MET B 389 -6.80 -14.87 -35.33
C MET B 389 -7.92 -14.23 -34.51
N ILE B 390 -8.37 -14.93 -33.45
CA ILE B 390 -9.42 -14.39 -32.59
C ILE B 390 -8.91 -13.17 -31.81
N LEU B 391 -7.70 -13.28 -31.25
CA LEU B 391 -7.13 -12.15 -30.52
C LEU B 391 -6.97 -10.93 -31.43
N GLY B 392 -7.00 -11.13 -32.75
CA GLY B 392 -7.03 -10.00 -33.65
C GLY B 392 -8.27 -9.12 -33.48
N ILE B 393 -9.40 -9.72 -33.10
CA ILE B 393 -10.65 -9.00 -32.89
C ILE B 393 -11.13 -9.12 -31.44
N ASP B 394 -10.18 -9.44 -30.56
CA ASP B 394 -10.51 -9.68 -29.15
C ASP B 394 -11.16 -8.45 -28.52
N ALA B 395 -10.70 -7.25 -28.85
CA ALA B 395 -11.25 -6.05 -28.22
C ALA B 395 -12.67 -5.77 -28.70
N ILE B 396 -12.90 -5.93 -30.02
CA ILE B 396 -14.24 -5.80 -30.58
C ILE B 396 -15.20 -6.73 -29.85
N LEU B 397 -14.75 -7.95 -29.56
CA LEU B 397 -15.61 -8.86 -28.81
C LEU B 397 -15.69 -8.49 -27.33
N ASP B 398 -14.61 -7.91 -26.79
CA ASP B 398 -14.53 -7.60 -25.37
C ASP B 398 -15.55 -6.54 -24.98
N MET B 399 -15.75 -5.56 -25.85
CA MET B 399 -16.76 -4.53 -25.57
C MET B 399 -18.11 -5.17 -25.24
N GLY B 400 -18.63 -5.96 -26.18
CA GLY B 400 -19.94 -6.57 -25.98
C GLY B 400 -19.99 -7.54 -24.83
N ARG B 401 -18.94 -8.37 -24.68
CA ARG B 401 -18.97 -9.33 -23.59
C ARG B 401 -18.96 -8.64 -22.23
N THR B 402 -18.17 -7.57 -22.07
CA THR B 402 -18.18 -6.82 -20.82
C THR B 402 -19.55 -6.19 -20.56
N MET B 403 -20.15 -5.61 -21.61
CA MET B 403 -21.50 -5.05 -21.46
C MET B 403 -22.47 -6.10 -20.93
N VAL B 404 -22.44 -7.30 -21.53
CA VAL B 404 -23.38 -8.34 -21.12
C VAL B 404 -23.07 -8.84 -19.70
N ASN B 405 -21.79 -8.89 -19.32
CA ASN B 405 -21.45 -9.26 -17.95
C ASN B 405 -22.07 -8.30 -16.95
N VAL B 406 -21.88 -6.99 -17.18
CA VAL B 406 -22.40 -6.03 -16.22
C VAL B 406 -23.93 -6.03 -16.23
N THR B 407 -24.55 -6.28 -17.40
CA THR B 407 -26.00 -6.34 -17.47
C THR B 407 -26.54 -7.53 -16.68
N GLY B 408 -25.90 -8.69 -16.81
CA GLY B 408 -26.31 -9.84 -16.02
C GLY B 408 -26.14 -9.60 -14.52
N ASP B 409 -25.05 -8.94 -14.14
CA ASP B 409 -24.86 -8.58 -12.74
C ASP B 409 -26.02 -7.72 -12.23
N LEU B 410 -26.37 -6.68 -12.99
CA LEU B 410 -27.46 -5.80 -12.57
C LEU B 410 -28.78 -6.55 -12.51
N ALA B 411 -29.05 -7.43 -13.48
CA ALA B 411 -30.30 -8.18 -13.48
C ALA B 411 -30.38 -9.10 -12.27
N GLY B 412 -29.29 -9.77 -11.94
CA GLY B 412 -29.29 -10.59 -10.73
C GLY B 412 -29.50 -9.78 -9.48
N THR B 413 -28.86 -8.62 -9.39
CA THR B 413 -29.03 -7.76 -8.22
C THR B 413 -30.49 -7.35 -8.05
N VAL B 414 -31.12 -6.89 -9.13
CA VAL B 414 -32.52 -6.45 -9.02
C VAL B 414 -33.45 -7.62 -8.73
N ILE B 415 -33.15 -8.80 -9.29
CA ILE B 415 -33.99 -9.97 -9.02
C ILE B 415 -33.90 -10.34 -7.54
N VAL B 416 -32.69 -10.41 -6.99
CA VAL B 416 -32.54 -10.76 -5.58
C VAL B 416 -33.17 -9.69 -4.69
N ALA B 417 -33.13 -8.43 -5.11
CA ALA B 417 -33.80 -7.38 -4.35
C ALA B 417 -35.32 -7.56 -4.38
N LYS B 418 -35.87 -7.88 -5.55
CA LYS B 418 -37.30 -8.11 -5.68
C LYS B 418 -37.75 -9.29 -4.84
N THR B 419 -36.91 -10.33 -4.73
CA THR B 419 -37.28 -11.48 -3.91
C THR B 419 -37.28 -11.13 -2.43
N GLU B 420 -36.25 -10.42 -1.97
CA GLU B 420 -36.15 -10.02 -0.56
C GLU B 420 -36.96 -8.77 -0.23
N LYS B 421 -37.79 -8.28 -1.16
CA LYS B 421 -38.60 -7.08 -0.97
C LYS B 421 -37.77 -5.85 -0.65
N GLU B 422 -36.47 -5.88 -0.95
CA GLU B 422 -35.59 -4.74 -0.73
C GLU B 422 -35.50 -3.82 -1.94
N LEU B 423 -36.42 -3.94 -2.88
CA LEU B 423 -36.43 -3.10 -4.08
C LEU B 423 -37.50 -2.02 -3.96
N ASP B 424 -37.10 -0.79 -4.24
CA ASP B 424 -38.02 0.35 -4.14
C ASP B 424 -38.84 0.44 -5.42
N GLU B 425 -40.12 0.08 -5.32
CA GLU B 425 -40.99 0.05 -6.49
C GLU B 425 -41.32 1.44 -7.01
N SER B 426 -41.16 2.48 -6.20
CA SER B 426 -41.50 3.83 -6.63
C SER B 426 -40.74 4.22 -7.91
N LYS B 427 -39.48 3.80 -8.02
CA LYS B 427 -38.70 4.15 -9.21
C LYS B 427 -39.08 3.33 -10.44
N TRP B 428 -39.90 2.29 -10.30
CA TRP B 428 -40.27 1.48 -11.45
C TRP B 428 -41.69 1.73 -11.94
N ILE B 429 -42.47 2.54 -11.22
CA ILE B 429 -43.77 3.00 -11.69
C ILE B 429 -43.63 4.49 -11.95
N SER B 430 -43.86 4.89 -13.20
CA SER B 430 -43.80 6.31 -13.54
C SER B 430 -45.17 6.96 -13.43
N ARG C 8 -24.96 -25.69 15.69
CA ARG C 8 -24.96 -27.10 16.08
C ARG C 8 -23.64 -27.52 16.70
N TYR C 9 -22.54 -27.05 16.11
CA TYR C 9 -21.21 -27.39 16.59
C TYR C 9 -20.60 -26.31 17.46
N LEU C 10 -21.03 -25.05 17.31
CA LEU C 10 -20.58 -23.97 18.16
C LEU C 10 -21.21 -24.02 19.56
N ASP C 11 -22.12 -24.97 19.80
CA ASP C 11 -22.84 -25.07 21.07
C ASP C 11 -21.98 -25.63 22.20
N TYR C 12 -20.72 -26.01 21.90
CA TYR C 12 -19.72 -26.58 22.79
C TYR C 12 -18.72 -25.50 23.23
N PRO C 13 -18.15 -25.63 24.43
CA PRO C 13 -17.11 -24.68 24.85
C PRO C 13 -15.94 -24.66 23.88
N VAL C 14 -15.53 -23.44 23.51
CA VAL C 14 -14.50 -23.29 22.48
C VAL C 14 -13.13 -23.72 22.99
N LEU C 15 -12.87 -23.59 24.30
CA LEU C 15 -11.57 -23.98 24.84
C LEU C 15 -11.39 -25.49 24.79
N TRP C 16 -12.38 -26.23 25.30
CA TRP C 16 -12.35 -27.68 25.18
C TRP C 16 -12.28 -28.11 23.73
N LYS C 17 -12.92 -27.34 22.83
CA LYS C 17 -12.90 -27.69 21.42
C LYS C 17 -11.51 -27.53 20.81
N ILE C 18 -10.81 -26.43 21.13
CA ILE C 18 -9.46 -26.27 20.59
C ILE C 18 -8.52 -27.29 21.21
N LEU C 19 -8.71 -27.65 22.48
CA LEU C 19 -7.86 -28.67 23.07
C LEU C 19 -8.07 -30.04 22.41
N TRP C 20 -9.33 -30.41 22.18
CA TRP C 20 -9.63 -31.63 21.45
C TRP C 20 -9.02 -31.59 20.06
N GLY C 21 -9.14 -30.45 19.36
CA GLY C 21 -8.52 -30.32 18.07
C GLY C 21 -7.02 -30.56 18.12
N LEU C 22 -6.35 -29.94 19.09
CA LEU C 22 -4.90 -30.09 19.22
C LEU C 22 -4.50 -31.55 19.41
N VAL C 23 -5.08 -32.21 20.42
CA VAL C 23 -4.62 -33.57 20.73
C VAL C 23 -5.04 -34.55 19.64
N LEU C 24 -6.27 -34.43 19.14
CA LEU C 24 -6.74 -35.33 18.09
C LEU C 24 -5.94 -35.14 16.81
N GLY C 25 -5.62 -33.90 16.45
CA GLY C 25 -4.80 -33.67 15.27
C GLY C 25 -3.39 -34.18 15.44
N ALA C 26 -2.82 -34.03 16.63
CA ALA C 26 -1.49 -34.58 16.88
C ALA C 26 -1.48 -36.09 16.67
N VAL C 27 -2.41 -36.80 17.32
CA VAL C 27 -2.42 -38.26 17.19
C VAL C 27 -2.75 -38.67 15.75
N PHE C 28 -3.65 -37.93 15.09
CA PHE C 28 -4.03 -38.26 13.71
C PHE C 28 -2.84 -38.08 12.76
N GLY C 29 -2.11 -36.97 12.90
CA GLY C 29 -0.95 -36.76 12.06
C GLY C 29 0.14 -37.79 12.32
N LEU C 30 0.34 -38.14 13.58
CA LEU C 30 1.33 -39.17 13.91
C LEU C 30 0.95 -40.51 13.27
N ILE C 31 -0.32 -40.88 13.35
CA ILE C 31 -0.76 -42.17 12.80
C ILE C 31 -0.70 -42.14 11.26
N ALA C 32 -1.08 -41.02 10.65
CA ALA C 32 -1.12 -40.94 9.20
C ALA C 32 0.26 -40.77 8.57
N GLY C 33 1.22 -40.22 9.31
CA GLY C 33 2.57 -40.10 8.79
C GLY C 33 3.37 -41.37 8.94
N HIS C 34 3.05 -42.18 9.94
CA HIS C 34 3.69 -43.49 10.08
C HIS C 34 3.27 -44.46 8.97
N PHE C 35 2.23 -44.14 8.21
CA PHE C 35 1.78 -44.98 7.11
C PHE C 35 2.03 -44.35 5.74
N GLY C 36 2.77 -43.23 5.70
CA GLY C 36 3.21 -42.64 4.46
C GLY C 36 2.18 -41.85 3.69
N TYR C 37 0.96 -41.72 4.19
CA TYR C 37 -0.09 -40.97 3.51
C TYR C 37 -0.07 -39.48 3.85
N ALA C 38 1.05 -38.97 4.37
CA ALA C 38 1.12 -37.58 4.81
C ALA C 38 0.82 -36.61 3.68
N GLY C 39 1.14 -36.99 2.45
CA GLY C 39 0.81 -36.13 1.31
C GLY C 39 -0.66 -35.79 1.26
N ALA C 40 -1.53 -36.77 1.52
CA ALA C 40 -2.96 -36.50 1.55
C ALA C 40 -3.29 -35.43 2.59
N VAL C 41 -2.62 -35.48 3.75
CA VAL C 41 -2.82 -34.47 4.78
C VAL C 41 -2.47 -33.08 4.25
N LYS C 42 -1.42 -33.00 3.42
CA LYS C 42 -1.07 -31.71 2.85
C LYS C 42 -2.10 -31.24 1.84
N THR C 43 -2.82 -32.18 1.19
CA THR C 43 -3.77 -31.80 0.16
C THR C 43 -5.14 -31.44 0.74
N TYR C 44 -5.64 -32.23 1.70
CA TYR C 44 -7.01 -32.11 2.16
C TYR C 44 -7.14 -31.50 3.55
N ILE C 45 -6.18 -31.71 4.44
CA ILE C 45 -6.29 -31.26 5.82
C ILE C 45 -5.65 -29.88 6.01
N LYS C 46 -4.46 -29.69 5.43
CA LYS C 46 -3.75 -28.42 5.61
C LYS C 46 -4.52 -27.18 5.18
N PRO C 47 -5.31 -27.19 4.09
CA PRO C 47 -6.05 -25.96 3.71
C PRO C 47 -6.87 -25.35 4.84
N PHE C 48 -7.38 -26.15 5.77
CA PHE C 48 -8.19 -25.58 6.85
C PHE C 48 -7.32 -24.79 7.84
N GLY C 49 -6.17 -25.36 8.22
CA GLY C 49 -5.23 -24.60 9.03
C GLY C 49 -4.73 -23.37 8.31
N ASP C 50 -4.55 -23.46 6.99
CA ASP C 50 -4.17 -22.30 6.20
C ASP C 50 -5.23 -21.21 6.27
N LEU C 51 -6.50 -21.61 6.14
CA LEU C 51 -7.60 -20.66 6.26
C LEU C 51 -7.60 -19.99 7.64
N PHE C 52 -7.40 -20.77 8.70
CA PHE C 52 -7.35 -20.21 10.05
C PHE C 52 -6.20 -19.21 10.18
N VAL C 53 -5.01 -19.58 9.69
CA VAL C 53 -3.86 -18.70 9.83
C VAL C 53 -4.03 -17.43 9.01
N ARG C 54 -4.68 -17.52 7.86
CA ARG C 54 -4.94 -16.32 7.07
C ARG C 54 -5.99 -15.44 7.75
N LEU C 55 -7.01 -16.04 8.35
CA LEU C 55 -7.99 -15.26 9.10
C LEU C 55 -7.33 -14.51 10.24
N LEU C 56 -6.33 -15.12 10.87
CA LEU C 56 -5.59 -14.42 11.92
C LEU C 56 -4.70 -13.33 11.35
N LYS C 57 -4.01 -13.61 10.24
CA LYS C 57 -3.15 -12.60 9.61
C LYS C 57 -3.94 -11.37 9.17
N MET C 58 -5.19 -11.57 8.74
CA MET C 58 -6.03 -10.46 8.28
C MET C 58 -6.15 -9.36 9.34
N LEU C 59 -6.22 -9.73 10.61
CA LEU C 59 -6.55 -8.78 11.67
C LEU C 59 -5.35 -8.06 12.25
N VAL C 60 -4.14 -8.56 12.03
CA VAL C 60 -2.96 -8.07 12.75
C VAL C 60 -2.82 -6.56 12.63
N MET C 61 -2.89 -6.03 11.40
CA MET C 61 -2.61 -4.61 11.21
C MET C 61 -3.68 -3.70 11.80
N PRO C 62 -4.98 -3.86 11.47
CA PRO C 62 -5.96 -2.93 12.05
C PRO C 62 -6.02 -2.99 13.56
N ILE C 63 -5.97 -4.19 14.14
CA ILE C 63 -6.07 -4.30 15.60
C ILE C 63 -4.87 -3.64 16.27
N VAL C 64 -3.66 -3.88 15.75
CA VAL C 64 -2.48 -3.28 16.38
C VAL C 64 -2.52 -1.76 16.26
N LEU C 65 -2.81 -1.25 15.05
CA LEU C 65 -2.85 0.19 14.84
C LEU C 65 -3.86 0.85 15.77
N ALA C 66 -5.11 0.38 15.74
CA ALA C 66 -6.17 1.02 16.50
C ALA C 66 -5.95 0.88 18.00
N SER C 67 -5.64 -0.34 18.47
CA SER C 67 -5.42 -0.55 19.89
C SER C 67 -4.27 0.31 20.40
N LEU C 68 -3.17 0.41 19.64
CA LEU C 68 -2.03 1.16 20.14
C LEU C 68 -2.29 2.67 20.12
N VAL C 69 -2.93 3.18 19.06
CA VAL C 69 -3.25 4.61 19.06
C VAL C 69 -4.19 4.96 20.21
N VAL C 70 -5.18 4.09 20.48
CA VAL C 70 -6.11 4.34 21.57
C VAL C 70 -5.39 4.30 22.91
N GLY C 71 -4.54 3.28 23.11
CA GLY C 71 -3.84 3.15 24.38
C GLY C 71 -2.87 4.29 24.63
N ALA C 72 -2.10 4.68 23.61
CA ALA C 72 -1.20 5.82 23.75
C ALA C 72 -1.97 7.11 23.99
N ALA C 73 -3.17 7.22 23.41
CA ALA C 73 -4.02 8.37 23.73
C ALA C 73 -4.48 8.34 25.18
N SER C 74 -4.98 7.19 25.63
CA SER C 74 -5.51 7.04 26.98
C SER C 74 -4.41 6.67 27.98
N ILE C 75 -3.31 7.41 27.95
CA ILE C 75 -2.20 7.18 28.86
C ILE C 75 -1.29 8.40 28.83
N SER C 76 -0.46 8.55 29.88
CA SER C 76 0.49 9.65 29.94
C SER C 76 1.79 9.27 29.24
N PRO C 77 2.45 10.23 28.58
CA PRO C 77 3.71 9.90 27.89
C PRO C 77 4.80 9.42 28.83
N ALA C 78 4.95 10.06 30.00
CA ALA C 78 5.97 9.60 30.96
C ALA C 78 5.66 8.20 31.46
N ARG C 79 4.39 7.92 31.75
CA ARG C 79 4.00 6.56 32.13
C ARG C 79 4.31 5.58 31.02
N LEU C 80 4.05 5.97 29.77
CA LEU C 80 4.33 5.08 28.64
C LEU C 80 5.82 4.80 28.51
N GLY C 81 6.66 5.81 28.73
CA GLY C 81 8.10 5.59 28.68
C GLY C 81 8.60 4.70 29.80
N ARG C 82 8.07 4.90 31.02
CA ARG C 82 8.41 4.01 32.12
C ARG C 82 8.01 2.57 31.83
N VAL C 83 6.80 2.38 31.28
CA VAL C 83 6.35 1.05 30.91
C VAL C 83 7.26 0.44 29.85
N GLY C 84 7.68 1.25 28.88
CA GLY C 84 8.58 0.75 27.85
C GLY C 84 9.91 0.29 28.43
N VAL C 85 10.48 1.08 29.34
CA VAL C 85 11.75 0.70 29.95
C VAL C 85 11.59 -0.59 30.74
N LYS C 86 10.51 -0.69 31.53
CA LYS C 86 10.26 -1.91 32.30
C LYS C 86 10.15 -3.13 31.39
N ILE C 87 9.33 -3.03 30.34
CA ILE C 87 9.09 -4.18 29.48
C ILE C 87 10.33 -4.54 28.67
N VAL C 88 11.17 -3.55 28.34
CA VAL C 88 12.40 -3.85 27.61
C VAL C 88 13.38 -4.60 28.50
N VAL C 89 13.53 -4.15 29.75
CA VAL C 89 14.40 -4.86 30.69
C VAL C 89 13.90 -6.28 30.90
N TYR C 90 12.57 -6.44 31.03
CA TYR C 90 12.00 -7.78 31.17
C TYR C 90 12.34 -8.64 29.96
N TYR C 91 12.12 -8.11 28.75
CA TYR C 91 12.37 -8.89 27.54
C TYR C 91 13.82 -9.35 27.46
N LEU C 92 14.76 -8.44 27.74
CA LEU C 92 16.17 -8.81 27.66
C LEU C 92 16.52 -9.87 28.71
N ALA C 93 16.04 -9.69 29.94
CA ALA C 93 16.32 -10.67 30.98
C ALA C 93 15.75 -12.04 30.64
N THR C 94 14.53 -12.07 30.08
CA THR C 94 13.92 -13.34 29.73
C THR C 94 14.65 -14.01 28.57
N SER C 95 15.09 -13.24 27.58
CA SER C 95 15.87 -13.83 26.49
C SER C 95 17.17 -14.43 27.00
N ALA C 96 17.85 -13.73 27.91
CA ALA C 96 19.08 -14.25 28.49
C ALA C 96 18.82 -15.53 29.28
N MET C 97 17.78 -15.52 30.11
CA MET C 97 17.43 -16.73 30.84
C MET C 97 17.07 -17.87 29.90
N ALA C 98 16.48 -17.56 28.74
CA ALA C 98 16.11 -18.59 27.79
C ALA C 98 17.33 -19.23 27.15
N VAL C 99 18.30 -18.43 26.71
CA VAL C 99 19.52 -19.01 26.17
C VAL C 99 20.25 -19.80 27.26
N PHE C 100 20.19 -19.33 28.51
CA PHE C 100 20.82 -20.05 29.61
C PHE C 100 20.20 -21.44 29.80
N PHE C 101 18.87 -21.50 29.86
CA PHE C 101 18.20 -22.78 29.97
C PHE C 101 18.48 -23.67 28.77
N GLY C 102 18.56 -23.07 27.58
CA GLY C 102 18.88 -23.87 26.40
C GLY C 102 20.24 -24.52 26.50
N LEU C 103 21.26 -23.76 26.89
CA LEU C 103 22.58 -24.34 27.07
C LEU C 103 22.59 -25.39 28.17
N ILE C 104 21.88 -25.15 29.27
CA ILE C 104 21.85 -26.12 30.37
C ILE C 104 21.25 -27.44 29.90
N VAL C 105 20.06 -27.39 29.29
CA VAL C 105 19.41 -28.62 28.86
C VAL C 105 20.17 -29.29 27.72
N GLY C 106 20.88 -28.50 26.89
CA GLY C 106 21.71 -29.10 25.87
C GLY C 106 22.88 -29.87 26.44
N ARG C 107 23.55 -29.28 27.43
CA ARG C 107 24.64 -29.99 28.10
C ARG C 107 24.12 -31.21 28.86
N LEU C 108 22.88 -31.15 29.35
CA LEU C 108 22.31 -32.29 30.07
C LEU C 108 22.00 -33.44 29.11
N PHE C 109 21.33 -33.14 27.98
CA PHE C 109 21.01 -34.17 27.00
C PHE C 109 22.21 -34.62 26.19
N ASN C 110 23.33 -33.89 26.25
CA ASN C 110 24.52 -34.20 25.45
C ASN C 110 24.18 -34.31 23.96
N VAL C 111 23.55 -33.25 23.45
CA VAL C 111 23.04 -33.26 22.08
C VAL C 111 24.20 -33.25 21.09
N GLY C 112 24.10 -34.08 20.06
CA GLY C 112 25.11 -34.17 19.03
C GLY C 112 26.30 -35.06 19.34
N ALA C 113 26.29 -35.76 20.47
CA ALA C 113 27.43 -36.59 20.84
C ALA C 113 27.64 -37.74 19.87
N ASN C 114 26.55 -38.37 19.42
CA ASN C 114 26.65 -39.54 18.57
C ASN C 114 26.59 -39.22 17.08
N VAL C 115 26.64 -37.95 16.70
CA VAL C 115 26.67 -37.61 15.28
C VAL C 115 28.01 -38.05 14.68
N ASN C 116 29.10 -37.81 15.39
CA ASN C 116 30.44 -38.27 15.02
C ASN C 116 30.81 -37.80 13.61
N LEU C 117 30.95 -36.48 13.50
CA LEU C 117 31.37 -35.83 12.27
C LEU C 117 32.79 -35.29 12.42
N GLY C 118 33.44 -35.07 11.29
CA GLY C 118 34.81 -34.58 11.25
C GLY C 118 34.86 -33.17 10.72
N SER C 119 35.60 -32.32 11.42
CA SER C 119 35.73 -30.92 11.03
C SER C 119 37.08 -30.37 11.48
N GLY C 120 37.57 -29.38 10.74
CA GLY C 120 38.76 -28.65 11.10
C GLY C 120 38.48 -27.20 11.42
N THR C 121 39.52 -26.38 11.27
CA THR C 121 39.43 -24.93 11.47
C THR C 121 39.58 -24.20 10.13
N GLY C 122 38.89 -24.66 9.10
CA GLY C 122 39.08 -24.11 7.77
C GLY C 122 38.45 -22.77 7.43
N LYS C 123 37.66 -22.75 6.36
CA LYS C 123 37.20 -21.51 5.74
C LYS C 123 35.99 -20.93 6.47
N ALA C 124 35.93 -19.61 6.53
CA ALA C 124 34.91 -18.92 7.29
C ALA C 124 33.95 -18.14 6.40
N ILE C 125 32.67 -18.16 6.79
CA ILE C 125 31.60 -17.44 6.13
C ILE C 125 31.19 -16.30 7.05
N GLU C 126 30.61 -15.26 6.46
CA GLU C 126 30.25 -14.08 7.25
C GLU C 126 28.95 -13.47 6.73
N ALA C 127 27.83 -14.00 7.23
CA ALA C 127 26.54 -13.34 7.12
C ALA C 127 26.62 -12.11 7.99
N GLN C 128 26.85 -10.95 7.38
CA GLN C 128 27.03 -9.72 8.13
C GLN C 128 25.81 -9.43 9.01
N PRO C 129 26.02 -9.03 10.26
CA PRO C 129 24.89 -8.59 11.07
C PRO C 129 24.40 -7.24 10.60
N PRO C 130 23.09 -7.06 10.46
CA PRO C 130 22.58 -5.74 10.07
C PRO C 130 23.04 -4.67 11.06
N SER C 131 23.60 -3.60 10.53
CA SER C 131 24.06 -2.50 11.38
C SER C 131 22.91 -1.98 12.21
N LEU C 132 23.14 -1.88 13.52
CA LEU C 132 22.05 -1.53 14.44
C LEU C 132 21.46 -0.17 14.10
N VAL C 133 22.30 0.77 13.63
CA VAL C 133 21.83 2.12 13.36
C VAL C 133 20.79 2.11 12.24
N GLN C 134 21.02 1.31 11.19
CA GLN C 134 20.07 1.29 10.08
C GLN C 134 18.74 0.67 10.49
N THR C 135 18.78 -0.39 11.31
CA THR C 135 17.54 -0.99 11.78
C THR C 135 16.77 -0.04 12.69
N LEU C 136 17.48 0.65 13.60
CA LEU C 136 16.83 1.62 14.46
C LEU C 136 16.20 2.75 13.66
N LEU C 137 16.89 3.23 12.61
CA LEU C 137 16.30 4.24 11.76
C LEU C 137 15.09 3.70 11.01
N ASN C 138 15.15 2.44 10.58
CA ASN C 138 14.03 1.84 9.87
C ASN C 138 12.83 1.60 10.79
N ILE C 139 13.04 1.61 12.11
CA ILE C 139 11.91 1.63 13.03
C ILE C 139 11.02 2.85 12.76
N VAL C 140 11.65 3.98 12.45
CA VAL C 140 10.92 5.21 12.12
C VAL C 140 10.47 5.13 10.67
N PRO C 141 9.17 5.02 10.40
CA PRO C 141 8.70 4.94 9.01
C PRO C 141 8.87 6.25 8.28
N THR C 142 8.95 6.13 6.95
CA THR C 142 8.88 7.29 6.06
C THR C 142 7.53 7.41 5.37
N ASN C 143 6.68 6.39 5.46
CA ASN C 143 5.32 6.43 4.95
C ASN C 143 4.46 5.46 5.76
N PRO C 144 3.50 5.96 6.54
CA PRO C 144 2.68 5.06 7.36
C PRO C 144 1.78 4.16 6.54
N PHE C 145 1.21 4.66 5.45
CA PHE C 145 0.38 3.83 4.59
C PHE C 145 1.19 2.68 4.00
N ALA C 146 2.44 2.95 3.61
CA ALA C 146 3.29 1.91 3.05
C ALA C 146 3.63 0.86 4.11
N SER C 147 3.96 1.30 5.33
CA SER C 147 4.23 0.35 6.40
C SER C 147 3.01 -0.49 6.73
N LEU C 148 1.82 0.11 6.65
CA LEU C 148 0.59 -0.64 6.87
C LEU C 148 0.40 -1.70 5.79
N ALA C 149 0.54 -1.31 4.52
CA ALA C 149 0.37 -2.26 3.43
C ALA C 149 1.39 -3.39 3.49
N LYS C 150 2.64 -3.06 3.82
CA LYS C 150 3.71 -4.04 3.90
C LYS C 150 3.69 -4.86 5.19
N GLY C 151 2.85 -4.50 6.15
CA GLY C 151 2.78 -5.25 7.39
C GLY C 151 3.98 -5.11 8.30
N GLU C 152 4.65 -3.96 8.27
CA GLU C 152 5.80 -3.72 9.15
C GLU C 152 5.28 -3.23 10.50
N VAL C 153 5.55 -4.00 11.56
CA VAL C 153 4.86 -3.79 12.82
C VAL C 153 5.51 -2.66 13.63
N LEU C 154 6.84 -2.56 13.62
CA LEU C 154 7.51 -1.56 14.44
C LEU C 154 7.28 -0.12 13.95
N PRO C 155 7.34 0.15 12.64
CA PRO C 155 6.95 1.50 12.19
C PRO C 155 5.51 1.85 12.52
N VAL C 156 4.60 0.87 12.43
CA VAL C 156 3.21 1.10 12.83
C VAL C 156 3.14 1.42 14.31
N ILE C 157 3.93 0.72 15.13
CA ILE C 157 3.96 1.00 16.56
C ILE C 157 4.40 2.44 16.81
N PHE C 158 5.49 2.86 16.17
CA PHE C 158 5.99 4.22 16.35
C PHE C 158 4.94 5.25 15.94
N PHE C 159 4.37 5.08 14.75
CA PHE C 159 3.39 6.04 14.25
C PHE C 159 2.15 6.09 15.14
N ALA C 160 1.68 4.93 15.61
CA ALA C 160 0.48 4.90 16.44
C ALA C 160 0.72 5.55 17.80
N ILE C 161 1.90 5.30 18.39
CA ILE C 161 2.22 5.93 19.67
C ILE C 161 2.27 7.44 19.51
N ILE C 162 2.94 7.92 18.45
CA ILE C 162 3.06 9.36 18.24
C ILE C 162 1.68 9.97 18.00
N LEU C 163 0.82 9.27 17.24
CA LEU C 163 -0.51 9.79 16.95
C LEU C 163 -1.37 9.84 18.20
N GLY C 164 -1.29 8.82 19.06
CA GLY C 164 -2.04 8.85 20.30
C GLY C 164 -1.60 9.98 21.22
N ILE C 165 -0.28 10.18 21.34
CA ILE C 165 0.22 11.29 22.15
C ILE C 165 -0.26 12.62 21.57
N ALA C 166 -0.24 12.76 20.24
CA ALA C 166 -0.72 13.99 19.61
C ALA C 166 -2.19 14.22 19.90
N ILE C 167 -3.01 13.17 19.84
CA ILE C 167 -4.43 13.31 20.12
C ILE C 167 -4.67 13.72 21.57
N THR C 168 -3.90 13.14 22.50
CA THR C 168 -4.03 13.51 23.90
C THR C 168 -3.65 14.97 24.12
N TYR C 169 -2.56 15.43 23.49
CA TYR C 169 -2.20 16.83 23.61
C TYR C 169 -3.20 17.74 22.91
N LEU C 170 -3.90 17.23 21.90
CA LEU C 170 -4.89 18.04 21.20
C LEU C 170 -6.16 18.21 22.02
N MET C 171 -6.56 17.19 22.78
CA MET C 171 -7.78 17.28 23.55
C MET C 171 -7.69 18.28 24.71
N ASN C 172 -6.51 18.84 24.98
CA ASN C 172 -6.33 19.81 26.06
C ASN C 172 -5.97 21.19 25.52
N ARG C 173 -6.65 21.60 24.45
CA ARG C 173 -6.44 22.92 23.85
C ARG C 173 -7.65 23.81 24.12
N ASN C 174 -7.40 25.11 24.17
CA ASN C 174 -8.47 26.07 24.43
C ASN C 174 -9.54 26.05 23.33
N GLU C 175 -9.16 25.71 22.11
CA GLU C 175 -10.14 25.63 21.04
C GLU C 175 -11.13 24.48 21.30
N GLU C 176 -12.31 24.61 20.72
CA GLU C 176 -13.37 23.62 20.89
C GLU C 176 -13.54 22.72 19.67
N ARG C 177 -13.39 23.26 18.46
CA ARG C 177 -13.46 22.44 17.26
C ARG C 177 -12.34 21.41 17.25
N VAL C 178 -11.14 21.81 17.69
CA VAL C 178 -9.99 20.92 17.70
C VAL C 178 -10.26 19.73 18.62
N ARG C 179 -10.82 19.98 19.80
CA ARG C 179 -11.14 18.88 20.71
C ARG C 179 -12.19 17.95 20.12
N LYS C 180 -13.20 18.52 19.45
CA LYS C 180 -14.22 17.69 18.84
C LYS C 180 -13.65 16.82 17.73
N SER C 181 -12.77 17.38 16.90
CA SER C 181 -12.15 16.61 15.83
C SER C 181 -11.26 15.51 16.40
N ALA C 182 -10.46 15.83 17.41
CA ALA C 182 -9.61 14.83 18.03
C ALA C 182 -10.43 13.70 18.65
N GLU C 183 -11.54 14.06 19.29
CA GLU C 183 -12.40 13.04 19.89
C GLU C 183 -13.05 12.17 18.82
N THR C 184 -13.43 12.77 17.69
CA THR C 184 -13.98 11.99 16.59
C THR C 184 -12.95 10.99 16.06
N LEU C 185 -11.71 11.45 15.87
CA LEU C 185 -10.64 10.57 15.39
C LEU C 185 -10.40 9.43 16.38
N LEU C 186 -10.31 9.76 17.67
CA LEU C 186 -10.08 8.72 18.68
C LEU C 186 -11.25 7.74 18.75
N ARG C 187 -12.47 8.23 18.55
CA ARG C 187 -13.63 7.33 18.54
C ARG C 187 -13.60 6.39 17.35
N VAL C 188 -13.19 6.90 16.18
CA VAL C 188 -13.03 6.04 15.01
C VAL C 188 -12.03 4.92 15.31
N PHE C 189 -10.88 5.29 15.87
CA PHE C 189 -9.87 4.27 16.17
C PHE C 189 -10.37 3.28 17.23
N ASP C 190 -11.10 3.77 18.24
CA ASP C 190 -11.62 2.90 19.28
C ASP C 190 -12.63 1.91 18.72
N GLY C 191 -13.54 2.38 17.87
CA GLY C 191 -14.49 1.49 17.23
C GLY C 191 -13.82 0.45 16.36
N LEU C 192 -12.79 0.86 15.61
CA LEU C 192 -12.05 -0.11 14.82
C LEU C 192 -11.43 -1.19 15.70
N ALA C 193 -10.82 -0.78 16.82
CA ALA C 193 -10.19 -1.76 17.72
C ALA C 193 -11.23 -2.70 18.31
N GLU C 194 -12.35 -2.17 18.76
CA GLU C 194 -13.39 -3.02 19.36
C GLU C 194 -13.95 -4.01 18.33
N ALA C 195 -14.17 -3.54 17.10
CA ALA C 195 -14.60 -4.45 16.04
C ALA C 195 -13.58 -5.54 15.79
N MET C 196 -12.29 -5.18 15.82
CA MET C 196 -11.25 -6.18 15.64
C MET C 196 -11.28 -7.24 16.73
N TYR C 197 -11.48 -6.82 17.98
CA TYR C 197 -11.54 -7.79 19.07
C TYR C 197 -12.77 -8.69 18.93
N LEU C 198 -13.90 -8.12 18.50
CA LEU C 198 -15.09 -8.93 18.25
C LEU C 198 -14.81 -9.97 17.16
N ILE C 199 -14.10 -9.57 16.12
CA ILE C 199 -13.79 -10.50 15.04
C ILE C 199 -12.82 -11.58 15.50
N VAL C 200 -11.90 -11.23 16.40
CA VAL C 200 -11.02 -12.25 16.99
C VAL C 200 -11.84 -13.28 17.76
N GLY C 201 -12.77 -12.80 18.58
CA GLY C 201 -13.67 -13.72 19.28
C GLY C 201 -14.44 -14.61 18.32
N GLY C 202 -14.88 -14.04 17.20
CA GLY C 202 -15.58 -14.84 16.19
C GLY C 202 -14.70 -15.91 15.57
N VAL C 203 -13.48 -15.54 15.19
CA VAL C 203 -12.55 -16.49 14.57
C VAL C 203 -12.19 -17.61 15.54
N MET C 204 -12.21 -17.32 16.85
CA MET C 204 -11.92 -18.36 17.83
C MET C 204 -12.90 -19.54 17.74
N GLN C 205 -14.05 -19.35 17.08
CA GLN C 205 -14.99 -20.46 16.90
C GLN C 205 -14.51 -21.42 15.81
N TYR C 206 -13.89 -20.91 14.75
CA TYR C 206 -13.28 -21.77 13.75
C TYR C 206 -11.91 -22.27 14.20
N ALA C 207 -11.34 -21.64 15.22
CA ALA C 207 -10.02 -22.02 15.70
C ALA C 207 -9.82 -23.52 15.96
N PRO C 208 -10.80 -24.28 16.46
CA PRO C 208 -10.56 -25.74 16.63
C PRO C 208 -10.17 -26.45 15.35
N ILE C 209 -10.87 -26.20 14.24
CA ILE C 209 -10.55 -26.85 12.97
C ILE C 209 -9.14 -26.48 12.52
N GLY C 210 -8.79 -25.19 12.63
CA GLY C 210 -7.45 -24.76 12.25
C GLY C 210 -6.38 -25.41 13.10
N VAL C 211 -6.59 -25.48 14.41
CA VAL C 211 -5.62 -26.09 15.32
C VAL C 211 -5.44 -27.57 14.96
N PHE C 212 -6.56 -28.27 14.77
CA PHE C 212 -6.51 -29.67 14.36
C PHE C 212 -5.69 -29.84 13.09
N ALA C 213 -6.01 -29.06 12.05
CA ALA C 213 -5.35 -29.22 10.76
C ALA C 213 -3.87 -28.91 10.85
N LEU C 214 -3.50 -27.84 11.57
CA LEU C 214 -2.10 -27.46 11.66
C LEU C 214 -1.28 -28.51 12.40
N ILE C 215 -1.75 -28.94 13.58
CA ILE C 215 -0.99 -29.95 14.32
C ILE C 215 -0.96 -31.26 13.55
N ALA C 216 -2.04 -31.60 12.84
CA ALA C 216 -2.06 -32.83 12.06
C ALA C 216 -1.04 -32.78 10.93
N TYR C 217 -0.96 -31.67 10.20
CA TYR C 217 0.01 -31.55 9.13
C TYR C 217 1.44 -31.61 9.67
N VAL C 218 1.71 -30.90 10.77
CA VAL C 218 3.06 -30.88 11.31
C VAL C 218 3.47 -32.27 11.78
N MET C 219 2.57 -32.98 12.47
CA MET C 219 2.91 -34.33 12.94
C MET C 219 3.03 -35.31 11.78
N ALA C 220 2.18 -35.16 10.76
CA ALA C 220 2.26 -36.07 9.61
C ALA C 220 3.58 -35.90 8.86
N GLU C 221 4.01 -34.66 8.66
CA GLU C 221 5.23 -34.42 7.89
C GLU C 221 6.47 -34.81 8.70
N GLN C 222 6.64 -34.22 9.88
CA GLN C 222 7.86 -34.36 10.65
C GLN C 222 7.73 -35.32 11.83
N GLY C 223 6.73 -36.21 11.81
CA GLY C 223 6.58 -37.20 12.86
C GLY C 223 7.59 -38.33 12.75
N VAL C 224 7.86 -38.77 11.52
CA VAL C 224 8.81 -39.85 11.30
C VAL C 224 10.24 -39.40 11.56
N ARG C 225 10.49 -38.09 11.55
CA ARG C 225 11.83 -37.55 11.64
C ARG C 225 12.38 -37.53 13.06
N VAL C 226 11.58 -37.91 14.06
CA VAL C 226 12.02 -37.81 15.47
C VAL C 226 12.60 -39.17 15.83
N VAL C 227 13.83 -39.41 15.36
CA VAL C 227 14.58 -40.62 15.69
C VAL C 227 16.02 -40.22 15.95
N GLY C 228 16.69 -40.98 16.83
CA GLY C 228 18.09 -40.80 17.11
C GLY C 228 18.41 -39.49 17.80
N PRO C 229 19.45 -38.80 17.33
CA PRO C 229 19.83 -37.53 17.96
C PRO C 229 18.81 -36.43 17.77
N LEU C 230 18.05 -36.46 16.68
CA LEU C 230 16.99 -35.48 16.50
C LEU C 230 15.92 -35.62 17.58
N ALA C 231 15.64 -36.85 18.01
CA ALA C 231 14.73 -37.05 19.13
C ALA C 231 15.30 -36.45 20.42
N LYS C 232 16.61 -36.58 20.61
CA LYS C 232 17.25 -35.94 21.76
C LYS C 232 17.12 -34.43 21.69
N VAL C 233 17.24 -33.86 20.49
CA VAL C 233 17.09 -32.41 20.33
C VAL C 233 15.66 -31.98 20.65
N VAL C 234 14.67 -32.75 20.17
CA VAL C 234 13.28 -32.44 20.46
C VAL C 234 13.03 -32.47 21.97
N GLY C 235 13.46 -33.55 22.62
CA GLY C 235 13.32 -33.64 24.07
C GLY C 235 14.00 -32.52 24.80
N ALA C 236 15.22 -32.17 24.38
CA ALA C 236 15.97 -31.11 25.05
C ALA C 236 15.26 -29.77 24.93
N VAL C 237 14.81 -29.43 23.72
CA VAL C 237 14.18 -28.12 23.55
C VAL C 237 12.84 -28.07 24.28
N TYR C 238 12.11 -29.18 24.31
CA TYR C 238 10.82 -29.15 25.01
C TYR C 238 11.02 -29.08 26.52
N THR C 239 12.02 -29.80 27.05
CA THR C 239 12.35 -29.69 28.47
C THR C 239 12.80 -28.27 28.81
N GLY C 240 13.60 -27.65 27.93
CA GLY C 240 14.04 -26.30 28.20
C GLY C 240 12.92 -25.29 28.18
N LEU C 241 12.00 -25.43 27.23
CA LEU C 241 10.84 -24.53 27.20
C LEU C 241 9.94 -24.73 28.41
N PHE C 242 9.70 -25.98 28.79
CA PHE C 242 8.94 -26.26 30.00
C PHE C 242 9.60 -25.65 31.23
N LEU C 243 10.93 -25.74 31.31
CA LEU C 243 11.66 -25.15 32.44
C LEU C 243 11.53 -23.63 32.44
N GLN C 244 11.72 -23.01 31.27
CA GLN C 244 11.56 -21.57 31.14
C GLN C 244 10.18 -21.14 31.65
N ILE C 245 9.13 -21.86 31.23
CA ILE C 245 7.79 -21.56 31.73
C ILE C 245 7.75 -21.69 33.25
N VAL C 246 8.02 -22.89 33.76
CA VAL C 246 7.84 -23.14 35.19
C VAL C 246 8.83 -22.31 36.02
N ILE C 247 10.13 -22.47 35.76
CA ILE C 247 11.14 -21.81 36.60
C ILE C 247 11.08 -20.30 36.44
N THR C 248 11.41 -19.81 35.24
CA THR C 248 11.55 -18.37 35.03
C THR C 248 10.23 -17.64 35.23
N TYR C 249 9.20 -18.00 34.44
CA TYR C 249 7.98 -17.21 34.40
C TYR C 249 7.20 -17.27 35.70
N PHE C 250 7.06 -18.47 36.28
CA PHE C 250 6.29 -18.57 37.53
C PHE C 250 6.96 -17.80 38.66
N ILE C 251 8.30 -17.86 38.73
CA ILE C 251 9.02 -17.13 39.77
C ILE C 251 8.87 -15.63 39.56
N LEU C 252 8.99 -15.17 38.31
CA LEU C 252 8.82 -13.74 38.04
C LEU C 252 7.39 -13.28 38.37
N LEU C 253 6.40 -14.14 38.13
CA LEU C 253 5.02 -13.76 38.40
C LEU C 253 4.74 -13.74 39.91
N LYS C 254 5.23 -14.74 40.63
CA LYS C 254 4.96 -14.82 42.06
C LYS C 254 5.74 -13.74 42.82
N VAL C 255 6.91 -13.37 42.33
CA VAL C 255 7.69 -12.30 42.96
C VAL C 255 6.91 -10.99 42.93
N PHE C 256 6.22 -10.72 41.81
CA PHE C 256 5.39 -9.53 41.67
C PHE C 256 3.98 -9.73 42.19
N GLY C 257 3.72 -10.80 42.94
CA GLY C 257 2.44 -10.97 43.59
C GLY C 257 1.31 -11.36 42.66
N ILE C 258 1.62 -12.10 41.61
CA ILE C 258 0.62 -12.61 40.67
C ILE C 258 0.59 -14.13 40.76
N ASP C 259 -0.61 -14.69 40.75
CA ASP C 259 -0.77 -16.14 40.80
C ASP C 259 -0.42 -16.74 39.43
N PRO C 260 0.63 -17.56 39.32
CA PRO C 260 1.04 -18.02 37.99
C PRO C 260 0.09 -19.01 37.36
N ILE C 261 -0.60 -19.84 38.16
CA ILE C 261 -1.53 -20.81 37.60
C ILE C 261 -2.70 -20.11 36.92
N LYS C 262 -3.17 -19.01 37.51
CA LYS C 262 -4.19 -18.20 36.86
C LYS C 262 -3.69 -17.63 35.54
N PHE C 263 -2.46 -17.13 35.53
CA PHE C 263 -1.86 -16.64 34.30
C PHE C 263 -1.84 -17.72 33.22
N ILE C 264 -1.50 -18.94 33.60
CA ILE C 264 -1.44 -20.03 32.62
C ILE C 264 -2.84 -20.36 32.10
N ARG C 265 -3.80 -20.51 33.01
CA ARG C 265 -5.16 -20.84 32.60
C ARG C 265 -5.76 -19.76 31.71
N LYS C 266 -5.32 -18.52 31.86
CA LYS C 266 -5.82 -17.46 30.99
C LYS C 266 -5.09 -17.42 29.66
N ALA C 267 -3.75 -17.56 29.68
CA ALA C 267 -2.96 -17.51 28.47
C ALA C 267 -3.12 -18.74 27.59
N LYS C 268 -3.79 -19.79 28.09
CA LYS C 268 -3.92 -21.05 27.36
C LYS C 268 -4.36 -20.85 25.91
N ASP C 269 -5.27 -19.90 25.65
CA ASP C 269 -5.77 -19.69 24.30
C ASP C 269 -4.66 -19.23 23.38
N ALA C 270 -3.98 -18.13 23.74
CA ALA C 270 -2.86 -17.65 22.93
C ALA C 270 -1.74 -18.67 22.85
N MET C 271 -1.54 -19.45 23.91
CA MET C 271 -0.51 -20.50 23.89
C MET C 271 -0.82 -21.53 22.82
N ILE C 272 -2.04 -22.07 22.82
CA ILE C 272 -2.42 -23.07 21.82
C ILE C 272 -2.34 -22.48 20.42
N THR C 273 -2.82 -21.25 20.26
CA THR C 273 -2.82 -20.62 18.93
C THR C 273 -1.39 -20.44 18.41
N ALA C 274 -0.51 -19.88 19.25
CA ALA C 274 0.89 -19.73 18.86
C ALA C 274 1.54 -21.06 18.57
N PHE C 275 1.26 -22.07 19.39
CA PHE C 275 1.83 -23.40 19.19
C PHE C 275 1.45 -23.96 17.83
N VAL C 276 0.17 -23.87 17.47
CA VAL C 276 -0.27 -24.52 16.24
C VAL C 276 0.06 -23.67 15.01
N THR C 277 0.11 -22.34 15.15
CA THR C 277 0.39 -21.49 14.00
C THR C 277 1.87 -21.16 13.84
N ARG C 278 2.66 -21.32 14.90
CA ARG C 278 4.09 -21.05 14.91
C ARG C 278 4.42 -19.61 14.51
N SER C 279 3.44 -18.72 14.54
CA SER C 279 3.63 -17.31 14.20
C SER C 279 3.23 -16.45 15.40
N SER C 280 4.20 -15.73 15.96
CA SER C 280 3.92 -14.86 17.10
C SER C 280 3.07 -13.66 16.67
N SER C 281 3.55 -12.90 15.68
CA SER C 281 2.80 -11.75 15.20
C SER C 281 1.48 -12.17 14.55
N GLY C 282 1.40 -13.41 14.05
CA GLY C 282 0.14 -13.90 13.53
C GLY C 282 -0.85 -14.25 14.62
N THR C 283 -0.35 -14.59 15.81
CA THR C 283 -1.18 -14.85 16.98
C THR C 283 -1.49 -13.59 17.76
N LEU C 284 -0.74 -12.51 17.52
CA LEU C 284 -0.85 -11.23 18.22
C LEU C 284 -2.28 -10.77 18.50
N PRO C 285 -3.24 -10.89 17.57
CA PRO C 285 -4.62 -10.52 17.92
C PRO C 285 -5.19 -11.34 19.07
N VAL C 286 -5.00 -12.66 19.05
CA VAL C 286 -5.49 -13.50 20.13
C VAL C 286 -4.82 -13.13 21.44
N THR C 287 -3.51 -12.86 21.41
CA THR C 287 -2.80 -12.47 22.62
C THR C 287 -3.33 -11.15 23.16
N MET C 288 -3.64 -10.20 22.27
CA MET C 288 -4.17 -8.91 22.71
C MET C 288 -5.55 -9.05 23.33
N ARG C 289 -6.41 -9.86 22.70
CA ARG C 289 -7.75 -10.07 23.25
C ARG C 289 -7.68 -10.79 24.59
N VAL C 290 -6.82 -11.80 24.72
CA VAL C 290 -6.65 -12.49 26.00
C VAL C 290 -6.09 -11.55 27.05
N ALA C 291 -5.16 -10.67 26.66
CA ALA C 291 -4.60 -9.71 27.61
C ALA C 291 -5.67 -8.80 28.15
N GLU C 292 -6.53 -8.27 27.27
CA GLU C 292 -7.53 -7.31 27.74
C GLU C 292 -8.66 -8.01 28.50
N GLU C 293 -9.31 -8.98 27.86
CA GLU C 293 -10.57 -9.53 28.34
C GLU C 293 -10.40 -10.80 29.16
N GLU C 294 -9.16 -11.13 29.54
CA GLU C 294 -8.92 -12.24 30.47
C GLU C 294 -7.93 -11.79 31.54
N MET C 295 -6.77 -11.30 31.12
CA MET C 295 -5.79 -10.83 32.08
C MET C 295 -6.22 -9.52 32.74
N GLY C 296 -6.91 -8.66 32.00
CA GLY C 296 -7.39 -7.39 32.53
C GLY C 296 -6.40 -6.26 32.51
N VAL C 297 -5.52 -6.22 31.52
CA VAL C 297 -4.56 -5.14 31.38
C VAL C 297 -5.18 -4.00 30.59
N ASP C 298 -4.79 -2.77 30.94
CA ASP C 298 -5.29 -1.59 30.25
C ASP C 298 -4.68 -1.49 28.85
N LYS C 299 -5.43 -0.85 27.94
CA LYS C 299 -5.00 -0.72 26.55
C LYS C 299 -3.62 -0.08 26.46
N GLY C 300 -3.39 0.99 27.23
CA GLY C 300 -2.12 1.68 27.23
C GLY C 300 -0.94 0.82 27.62
N ILE C 301 -1.18 -0.36 28.18
CA ILE C 301 -0.11 -1.28 28.54
C ILE C 301 0.08 -2.30 27.42
N PHE C 302 -0.91 -3.17 27.22
CA PHE C 302 -0.70 -4.31 26.33
C PHE C 302 -0.69 -3.90 24.88
N SER C 303 -1.52 -2.92 24.50
CA SER C 303 -1.56 -2.47 23.11
C SER C 303 -0.21 -1.99 22.61
N PHE C 304 0.73 -1.71 23.52
CA PHE C 304 2.10 -1.38 23.17
C PHE C 304 3.08 -2.51 23.47
N THR C 305 2.93 -3.19 24.61
CA THR C 305 3.94 -4.18 25.00
C THR C 305 3.83 -5.47 24.20
N LEU C 306 2.62 -5.87 23.79
CA LEU C 306 2.43 -7.16 23.14
C LEU C 306 2.97 -7.20 21.72
N PRO C 307 2.75 -6.17 20.88
CA PRO C 307 3.40 -6.20 19.56
C PRO C 307 4.90 -6.11 19.63
N LEU C 308 5.42 -5.21 20.48
CA LEU C 308 6.87 -5.15 20.69
C LEU C 308 7.41 -6.49 21.18
N GLY C 309 6.64 -7.18 22.02
CA GLY C 309 7.07 -8.49 22.48
C GLY C 309 7.08 -9.53 21.38
N ALA C 310 6.03 -9.54 20.55
CA ALA C 310 6.00 -10.46 19.41
C ALA C 310 7.12 -10.17 18.43
N THR C 311 7.59 -8.92 18.36
CA THR C 311 8.64 -8.57 17.42
C THR C 311 10.04 -8.84 17.95
N ILE C 312 10.35 -8.40 19.18
CA ILE C 312 11.72 -8.37 19.66
C ILE C 312 11.94 -9.24 20.90
N ASN C 313 10.91 -9.96 21.36
CA ASN C 313 11.06 -10.84 22.52
C ASN C 313 10.69 -12.26 22.08
N MET C 314 11.71 -13.09 21.89
CA MET C 314 11.53 -14.49 21.49
C MET C 314 12.41 -15.36 22.39
N ASP C 315 11.89 -15.69 23.58
CA ASP C 315 12.61 -16.58 24.49
C ASP C 315 12.69 -18.00 23.92
N GLY C 316 11.63 -18.47 23.27
CA GLY C 316 11.66 -19.80 22.70
C GLY C 316 12.75 -19.96 21.64
N THR C 317 12.86 -18.99 20.73
CA THR C 317 13.90 -19.06 19.72
C THR C 317 15.28 -18.90 20.33
N ALA C 318 15.41 -18.08 21.37
CA ALA C 318 16.68 -17.96 22.08
C ALA C 318 17.12 -19.30 22.65
N LEU C 319 16.21 -20.00 23.33
CA LEU C 319 16.52 -21.31 23.87
C LEU C 319 16.83 -22.31 22.76
N TYR C 320 16.09 -22.22 21.65
CA TYR C 320 16.35 -23.08 20.50
C TYR C 320 17.76 -22.90 19.98
N GLN C 321 18.20 -21.64 19.85
CA GLN C 321 19.57 -21.37 19.40
C GLN C 321 20.59 -21.89 20.41
N GLY C 322 20.32 -21.66 21.71
CA GLY C 322 21.21 -22.18 22.74
C GLY C 322 21.38 -23.68 22.67
N VAL C 323 20.32 -24.40 22.27
CA VAL C 323 20.42 -25.85 22.15
C VAL C 323 21.15 -26.24 20.86
N THR C 324 20.80 -25.59 19.74
CA THR C 324 21.34 -26.00 18.45
C THR C 324 22.82 -25.70 18.32
N VAL C 325 23.31 -24.63 18.97
CA VAL C 325 24.74 -24.33 18.88
C VAL C 325 25.55 -25.43 19.59
N LEU C 326 25.10 -25.85 20.77
CA LEU C 326 25.76 -26.96 21.45
C LEU C 326 25.64 -28.24 20.64
N PHE C 327 24.50 -28.46 20.00
CA PHE C 327 24.33 -29.66 19.18
C PHE C 327 25.36 -29.69 18.06
N VAL C 328 25.50 -28.58 17.32
CA VAL C 328 26.46 -28.54 16.22
C VAL C 328 27.88 -28.67 16.74
N ALA C 329 28.18 -28.02 17.87
CA ALA C 329 29.52 -28.10 18.44
C ALA C 329 29.90 -29.54 18.77
N ASN C 330 28.98 -30.27 19.41
CA ASN C 330 29.26 -31.66 19.72
C ASN C 330 29.24 -32.54 18.48
N ALA C 331 28.48 -32.15 17.46
CA ALA C 331 28.45 -32.92 16.22
C ALA C 331 29.79 -32.89 15.51
N ILE C 332 30.34 -31.69 15.30
CA ILE C 332 31.63 -31.58 14.63
C ILE C 332 32.81 -31.97 15.51
N GLY C 333 32.57 -32.19 16.80
CA GLY C 333 33.64 -32.62 17.70
C GLY C 333 34.45 -31.52 18.31
N HIS C 334 33.90 -30.30 18.42
CA HIS C 334 34.58 -29.17 19.06
C HIS C 334 33.65 -28.56 20.09
N PRO C 335 33.52 -29.18 21.27
CA PRO C 335 32.62 -28.65 22.29
C PRO C 335 33.02 -27.24 22.71
N LEU C 336 32.01 -26.43 23.02
CA LEU C 336 32.23 -25.04 23.39
C LEU C 336 32.75 -24.93 24.82
N THR C 337 33.77 -24.09 25.00
CA THR C 337 34.24 -23.78 26.34
C THR C 337 33.24 -22.87 27.05
N LEU C 338 33.52 -22.58 28.32
CA LEU C 338 32.61 -21.76 29.12
C LEU C 338 32.54 -20.33 28.60
N GLY C 339 33.70 -19.72 28.33
CA GLY C 339 33.71 -18.38 27.78
C GLY C 339 33.01 -18.30 26.43
N GLN C 340 33.14 -19.34 25.61
CA GLN C 340 32.44 -19.36 24.33
C GLN C 340 30.92 -19.43 24.53
N GLN C 341 30.46 -20.16 25.54
CA GLN C 341 29.03 -20.21 25.82
C GLN C 341 28.52 -18.87 26.35
N LEU C 342 29.34 -18.18 27.15
CA LEU C 342 28.98 -16.83 27.57
C LEU C 342 28.88 -15.89 26.37
N VAL C 343 29.82 -16.00 25.44
CA VAL C 343 29.74 -15.23 24.19
C VAL C 343 28.48 -15.60 23.44
N VAL C 344 28.09 -16.88 23.49
CA VAL C 344 26.86 -17.33 22.82
C VAL C 344 25.65 -16.59 23.38
N VAL C 345 25.50 -16.59 24.71
CA VAL C 345 24.35 -15.91 25.31
C VAL C 345 24.37 -14.41 25.00
N LEU C 346 25.56 -13.79 25.12
CA LEU C 346 25.65 -12.35 24.90
C LEU C 346 25.30 -11.98 23.47
N THR C 347 25.88 -12.69 22.50
CA THR C 347 25.60 -12.41 21.10
C THR C 347 24.17 -12.80 20.72
N ALA C 348 23.58 -13.77 21.42
CA ALA C 348 22.19 -14.11 21.14
C ALA C 348 21.27 -12.96 21.57
N VAL C 349 21.50 -12.40 22.76
CA VAL C 349 20.70 -11.24 23.18
C VAL C 349 20.95 -10.06 22.25
N LEU C 350 22.21 -9.81 21.89
CA LEU C 350 22.53 -8.70 21.01
C LEU C 350 22.01 -8.90 19.60
N ALA C 351 21.79 -10.14 19.17
CA ALA C 351 21.22 -10.40 17.85
C ALA C 351 19.70 -10.29 17.89
N SER C 352 19.09 -10.71 18.99
CA SER C 352 17.66 -10.45 19.17
C SER C 352 17.37 -8.96 19.22
N ILE C 353 18.34 -8.17 19.69
CA ILE C 353 18.17 -6.72 19.69
C ILE C 353 18.50 -6.14 18.31
N GLY C 354 19.56 -6.63 17.67
CA GLY C 354 20.00 -6.07 16.40
C GLY C 354 19.20 -6.51 15.20
N THR C 355 18.42 -7.59 15.33
CA THR C 355 17.51 -7.99 14.26
C THR C 355 16.08 -7.71 14.68
N ALA C 356 15.80 -6.45 15.01
CA ALA C 356 14.46 -6.04 15.43
C ALA C 356 13.69 -5.58 14.21
N GLY C 357 12.73 -6.39 13.76
CA GLY C 357 11.95 -6.08 12.59
C GLY C 357 12.65 -6.33 11.27
N VAL C 358 13.94 -6.68 11.30
CA VAL C 358 14.69 -7.03 10.10
C VAL C 358 14.10 -8.30 9.51
N PRO C 359 13.69 -8.29 8.24
CA PRO C 359 13.02 -9.46 7.67
C PRO C 359 13.95 -10.66 7.58
N GLY C 360 13.34 -11.84 7.73
CA GLY C 360 14.07 -13.09 7.69
C GLY C 360 15.09 -13.25 8.79
N ALA C 361 14.66 -13.06 10.03
CA ALA C 361 15.54 -13.16 11.18
C ALA C 361 15.55 -14.59 11.71
N GLY C 362 16.39 -14.82 12.70
CA GLY C 362 16.56 -16.17 13.25
C GLY C 362 17.58 -16.94 12.47
N ALA C 363 17.45 -16.96 11.14
CA ALA C 363 18.54 -17.49 10.31
C ALA C 363 19.73 -16.55 10.34
N ILE C 364 19.47 -15.25 10.31
CA ILE C 364 20.52 -14.25 10.49
C ILE C 364 21.09 -14.34 11.90
N MET C 365 20.21 -14.45 12.91
CA MET C 365 20.65 -14.53 14.29
C MET C 365 21.49 -15.78 14.54
N LEU C 366 21.03 -16.93 14.04
CA LEU C 366 21.77 -18.17 14.26
C LEU C 366 23.13 -18.13 13.59
N ALA C 367 23.18 -17.62 12.36
CA ALA C 367 24.46 -17.41 11.68
C ALA C 367 25.35 -16.47 12.49
N MET C 368 24.76 -15.44 13.10
CA MET C 368 25.55 -14.49 13.88
C MET C 368 26.15 -15.16 15.11
N VAL C 369 25.38 -16.00 15.80
CA VAL C 369 25.91 -16.69 16.97
C VAL C 369 27.01 -17.67 16.56
N LEU C 370 26.78 -18.40 15.46
CA LEU C 370 27.79 -19.35 14.99
C LEU C 370 29.08 -18.63 14.60
N GLN C 371 28.97 -17.47 13.96
CA GLN C 371 30.16 -16.68 13.68
C GLN C 371 30.81 -16.19 14.97
N SER C 372 29.99 -15.85 15.97
CA SER C 372 30.52 -15.36 17.23
C SER C 372 31.34 -16.42 17.95
N VAL C 373 31.09 -17.70 17.68
CA VAL C 373 31.92 -18.76 18.27
C VAL C 373 32.87 -19.40 17.29
N GLY C 374 32.78 -19.09 16.00
CA GLY C 374 33.72 -19.59 15.01
C GLY C 374 33.18 -20.69 14.12
N LEU C 375 32.06 -21.30 14.47
CA LEU C 375 31.46 -22.35 13.66
C LEU C 375 30.86 -21.73 12.40
N ASP C 376 31.66 -21.65 11.34
CA ASP C 376 31.30 -20.87 10.17
C ASP C 376 30.51 -21.72 9.17
N LEU C 377 29.34 -21.23 8.78
CA LEU C 377 28.37 -22.00 8.00
C LEU C 377 28.68 -21.91 6.50
N THR C 378 29.78 -22.54 6.12
CA THR C 378 30.11 -22.64 4.70
C THR C 378 29.40 -23.85 4.09
N PRO C 379 28.91 -23.73 2.85
CA PRO C 379 28.20 -24.87 2.23
C PRO C 379 29.12 -26.07 2.05
N GLY C 380 28.53 -27.26 2.21
CA GLY C 380 29.27 -28.51 2.14
C GLY C 380 30.05 -28.86 3.40
N SER C 381 30.31 -27.90 4.26
CA SER C 381 31.06 -28.15 5.49
C SER C 381 30.23 -29.04 6.43
N PRO C 382 30.89 -29.73 7.35
CA PRO C 382 30.14 -30.53 8.34
C PRO C 382 29.18 -29.72 9.17
N VAL C 383 29.52 -28.46 9.47
CA VAL C 383 28.61 -27.60 10.22
C VAL C 383 27.34 -27.36 9.43
N ALA C 384 27.46 -27.17 8.11
CA ALA C 384 26.28 -27.04 7.27
C ALA C 384 25.45 -28.31 7.27
N LEU C 385 26.11 -29.47 7.29
CA LEU C 385 25.39 -30.74 7.33
C LEU C 385 24.60 -30.87 8.63
N ALA C 386 25.23 -30.55 9.77
CA ALA C 386 24.53 -30.62 11.04
C ALA C 386 23.40 -29.59 11.11
N TYR C 387 23.59 -28.41 10.50
CA TYR C 387 22.54 -27.41 10.51
C TYR C 387 21.34 -27.85 9.69
N ALA C 388 21.58 -28.49 8.54
CA ALA C 388 20.46 -29.03 7.77
C ALA C 388 19.80 -30.19 8.51
N MET C 389 20.60 -31.00 9.21
CA MET C 389 20.06 -32.04 10.09
C MET C 389 19.08 -31.46 11.09
N ILE C 390 19.45 -30.33 11.70
CA ILE C 390 18.55 -29.67 12.66
C ILE C 390 17.31 -29.13 11.95
N LEU C 391 17.51 -28.42 10.83
CA LEU C 391 16.39 -27.84 10.10
C LEU C 391 15.42 -28.89 9.58
N GLY C 392 15.82 -30.16 9.54
CA GLY C 392 14.90 -31.22 9.18
C GLY C 392 13.69 -31.32 10.10
N ILE C 393 13.84 -30.94 11.36
CA ILE C 393 12.78 -31.05 12.35
C ILE C 393 12.38 -29.67 12.87
N ASP C 394 12.54 -28.64 12.02
CA ASP C 394 12.38 -27.26 12.47
C ASP C 394 10.98 -26.96 13.00
N ALA C 395 9.93 -27.50 12.37
CA ALA C 395 8.56 -27.12 12.74
C ALA C 395 8.15 -27.67 14.10
N ILE C 396 8.53 -28.91 14.40
CA ILE C 396 8.25 -29.49 15.71
C ILE C 396 8.76 -28.60 16.82
N LEU C 397 9.96 -28.03 16.62
CA LEU C 397 10.52 -27.11 17.61
C LEU C 397 9.88 -25.73 17.53
N ASP C 398 9.49 -25.31 16.33
CA ASP C 398 8.95 -23.97 16.11
C ASP C 398 7.65 -23.79 16.86
N MET C 399 6.82 -24.83 16.91
CA MET C 399 5.57 -24.76 17.67
C MET C 399 5.85 -24.29 19.11
N GLY C 400 6.71 -25.04 19.81
CA GLY C 400 7.02 -24.68 21.19
C GLY C 400 7.72 -23.35 21.30
N ARG C 401 8.59 -23.03 20.34
CA ARG C 401 9.33 -21.77 20.41
C ARG C 401 8.37 -20.58 20.35
N THR C 402 7.41 -20.63 19.42
CA THR C 402 6.42 -19.55 19.31
C THR C 402 5.54 -19.49 20.55
N MET C 403 5.11 -20.64 21.06
CA MET C 403 4.29 -20.67 22.27
C MET C 403 5.02 -19.97 23.42
N VAL C 404 6.30 -20.29 23.61
CA VAL C 404 7.05 -19.71 24.72
C VAL C 404 7.30 -18.22 24.49
N ASN C 405 7.51 -17.81 23.23
CA ASN C 405 7.67 -16.38 22.95
C ASN C 405 6.42 -15.60 23.38
N VAL C 406 5.25 -16.05 22.94
CA VAL C 406 4.04 -15.32 23.29
C VAL C 406 3.76 -15.41 24.79
N THR C 407 4.11 -16.53 25.43
CA THR C 407 3.92 -16.64 26.87
C THR C 407 4.79 -15.65 27.63
N GLY C 408 6.05 -15.50 27.23
CA GLY C 408 6.90 -14.51 27.85
C GLY C 408 6.39 -13.10 27.64
N ASP C 409 5.89 -12.81 26.43
CA ASP C 409 5.30 -11.51 26.16
C ASP C 409 4.14 -11.22 27.12
N LEU C 410 3.22 -12.17 27.24
CA LEU C 410 2.06 -11.99 28.13
C LEU C 410 2.49 -11.83 29.58
N ALA C 411 3.46 -12.64 30.03
CA ALA C 411 3.92 -12.56 31.41
C ALA C 411 4.54 -11.20 31.70
N GLY C 412 5.37 -10.69 30.79
CA GLY C 412 5.92 -9.36 30.97
C GLY C 412 4.85 -8.28 31.01
N THR C 413 3.85 -8.39 30.12
CA THR C 413 2.77 -7.42 30.11
C THR C 413 2.03 -7.41 31.46
N VAL C 414 1.71 -8.59 31.99
CA VAL C 414 0.98 -8.65 33.25
C VAL C 414 1.84 -8.15 34.41
N ILE C 415 3.14 -8.45 34.38
CA ILE C 415 4.03 -7.97 35.45
C ILE C 415 4.10 -6.45 35.44
N VAL C 416 4.30 -5.87 34.26
CA VAL C 416 4.37 -4.41 34.16
C VAL C 416 3.04 -3.78 34.54
N ALA C 417 1.92 -4.46 34.25
CA ALA C 417 0.62 -3.95 34.68
C ALA C 417 0.49 -3.96 36.19
N LYS C 418 0.92 -5.05 36.83
CA LYS C 418 0.88 -5.11 38.28
C LYS C 418 1.76 -4.03 38.91
N THR C 419 2.89 -3.74 38.28
CA THR C 419 3.76 -2.69 38.81
C THR C 419 3.11 -1.31 38.65
N GLU C 420 2.56 -1.03 37.47
CA GLU C 420 1.90 0.24 37.22
C GLU C 420 0.46 0.28 37.73
N LYS C 421 0.03 -0.78 38.43
CA LYS C 421 -1.32 -0.87 38.99
C LYS C 421 -2.40 -0.72 37.91
N GLU C 422 -2.04 -0.93 36.65
CA GLU C 422 -2.98 -0.91 35.54
C GLU C 422 -3.58 -2.28 35.28
N LEU C 423 -3.46 -3.19 36.24
CA LEU C 423 -4.00 -4.54 36.15
C LEU C 423 -5.28 -4.62 36.97
N ASP C 424 -6.34 -5.14 36.35
CA ASP C 424 -7.64 -5.24 37.01
C ASP C 424 -7.66 -6.50 37.87
N GLU C 425 -7.57 -6.33 39.19
CA GLU C 425 -7.47 -7.47 40.09
C GLU C 425 -8.76 -8.29 40.16
N SER C 426 -9.90 -7.68 39.81
CA SER C 426 -11.17 -8.41 39.85
C SER C 426 -11.13 -9.66 38.97
N LYS C 427 -10.39 -9.62 37.86
CA LYS C 427 -10.30 -10.76 36.96
C LYS C 427 -9.52 -11.92 37.56
N TRP C 428 -8.85 -11.69 38.69
CA TRP C 428 -7.98 -12.67 39.33
C TRP C 428 -8.58 -13.19 40.64
N ILE C 429 -9.81 -12.81 40.96
CA ILE C 429 -10.46 -13.19 42.21
C ILE C 429 -11.37 -14.37 41.96
N SER C 430 -11.12 -15.46 42.69
CA SER C 430 -11.96 -16.66 42.61
C SER C 430 -13.09 -16.59 43.64
#